data_7UKG
#
_entry.id   7UKG
#
_cell.length_a   1.00
_cell.length_b   1.00
_cell.length_c   1.00
_cell.angle_alpha   90.00
_cell.angle_beta   90.00
_cell.angle_gamma   90.00
#
_symmetry.space_group_name_H-M   'P 1'
#
loop_
_entity.id
_entity.type
_entity.pdbx_description
1 polymer 'Potassium voltage-gated channel subfamily D member 2'
2 polymer 'Dipeptidyl-peptidase 6'
3 non-polymer 'POTASSIUM ION'
#
loop_
_entity_poly.entity_id
_entity_poly.type
_entity_poly.pdbx_seq_one_letter_code
_entity_poly.pdbx_strand_id
1 'polypeptide(L)'
;MAAGVAAWLPFARAAAIGWMPVASGPMPAPPRQERKRTQDALIVLNVSGTRFQTWQDTLERYPDTLLGSSERDFFYHPET
QQYFFDRDPDIFRHILNFYRTGKLHYPRHECISAYDEELAFFGLIPEIIGDCCYEEYKDRRRENAERLQDDADTDTAGES
ALPTMTARQRVWRAFENPHTSTMALVFYYVTGFFIAVSVIANVVETVPCGSSPGHIKELPCGERYAVAFFCLDTACVMIF
TVEYLLRLAAAPSRYRFVRSVMSIIDVVAILPYYIGLVMTDNEDVSGAFVTLRVFRVFRIFKFSRHSQGLRILGYTLKSC
ASELGFLLFSLTMAIIIFATVMFYAEKGSSASKFTSIPAAFWYTIVTMTTLGYGDMVPKTIAGKIFGSICSLSGVLVIAL
PVPVIVSNFSRIYHQNQRADKRRAQKKARLARIRAAKSGSANAYMQSKRNGLLSNQLQSSEDEQAFVSKSGSSFETQHHH
LLHCLEKTTNHEFVDEQVFEESCMEVATVNRPSSHSPSLSSQQG
;
A,B,C,D
2 'polypeptide(L)'
;MKEKAMIKTAKMQGNVMELVGSNPPQRNWKGIAIALLVILVICSLIVTSVILLTPAEDNSLSQKKKVTVEDLFSEDFKIH
DPEAKWISDTEFIYREQKGTVRLWNVETNTSTVLIEGKKIESLRAIRYEISPDREYALFSYNVEPIYQHSYTGYYVLSKI
PHGDPQSLDPPEVSNAKLQYAGWGPKGQQLIFIFENNIYYCAHVGKQAIRVVSTGKEGVIYNGLSDWLYEEEILKTHIAH
WWSPDGTRLAYAAINDSRVPIMELPTYTGSIYPTVKPYHYPKAGSENPSISLHVIGLNGPTHDLEMMPPDDPRMREYYIT
MVKWATSTKVAVTWLNRAQNVSILTLCDATTGVCTKKHEDESEAWLHRQNEEPVFSKDGRKFFFIRAIPQGGRGKFYHIT
VSSSQPNSSNDNIQSITSGDWDVTKILAYDEKGNKIYFLSTEDLPRRRQLYSANTVGNFNRQCLSCDLVENCTYFSASFS
HSMDFFLLKCEGPGVPMVTVHNTTDKKKMFDLETNEHVKKAINDRQMPKVEYRDIEIDDYNLPMQILKPATFTDTTHYPL
LLVVDGTPGSQSVAEKFEVSWETVMVSSHGAVVVKCEGRGSGFRGTKLLHEVRRRLGLLEEKDQMEAVRTMLKEQYIDRT
RVAVFGKDYGGYLSTYILPAKGENQGQTFTCGSALSPITDFKLYASAFSERYLGLHGLDNRAYEMTKVAHRVSALEEQQF
LIIHPTADEKIHFQHTAELITQLIRGKANYSLQIYPDESHYFTSSSLKQHLYRSIINFFVECFRIQDKLLTVTAKEDEEE
D
;
I,J,K,L
#
loop_
_chem_comp.id
_chem_comp.type
_chem_comp.name
_chem_comp.formula
K non-polymer 'POTASSIUM ION' 'K 1'
#
# COMPACT_ATOMS: atom_id res chain seq x y z
N THR A 166 -37.60 -29.49 -31.56
CA THR A 166 -37.13 -28.12 -31.34
C THR A 166 -37.14 -27.77 -29.87
N ALA A 167 -37.49 -28.74 -29.02
CA ALA A 167 -37.50 -28.48 -27.58
C ALA A 167 -36.10 -28.28 -27.04
N ARG A 168 -35.10 -28.94 -27.65
CA ARG A 168 -33.73 -28.80 -27.19
C ARG A 168 -33.25 -27.36 -27.30
N GLN A 169 -33.49 -26.72 -28.45
CA GLN A 169 -33.07 -25.34 -28.61
C GLN A 169 -33.88 -24.41 -27.71
N ARG A 170 -35.14 -24.76 -27.42
CA ARG A 170 -35.93 -23.97 -26.51
C ARG A 170 -35.35 -24.00 -25.09
N VAL A 171 -34.99 -25.19 -24.62
CA VAL A 171 -34.38 -25.32 -23.31
C VAL A 171 -33.04 -24.60 -23.27
N TRP A 172 -32.25 -24.73 -24.34
CA TRP A 172 -30.97 -24.03 -24.38
C TRP A 172 -31.16 -22.52 -24.34
N ARG A 173 -32.14 -21.99 -25.09
CA ARG A 173 -32.39 -20.56 -25.07
C ARG A 173 -32.82 -20.11 -23.68
N ALA A 174 -33.62 -20.92 -23.00
CA ALA A 174 -33.99 -20.61 -21.62
C ALA A 174 -32.78 -20.56 -20.72
N PHE A 175 -31.87 -21.52 -20.88
CA PHE A 175 -30.70 -21.59 -20.01
C PHE A 175 -29.74 -20.43 -20.27
N GLU A 176 -29.55 -20.08 -21.54
CA GLU A 176 -28.61 -19.02 -21.90
C GLU A 176 -29.18 -17.65 -21.56
N ASN A 177 -30.49 -17.45 -21.77
CA ASN A 177 -31.16 -16.20 -21.46
C ASN A 177 -32.19 -16.48 -20.38
N PRO A 178 -31.81 -16.38 -19.11
CA PRO A 178 -32.78 -16.65 -18.04
C PRO A 178 -33.97 -15.70 -18.03
N HIS A 179 -33.77 -14.45 -18.44
CA HIS A 179 -34.81 -13.44 -18.31
C HIS A 179 -35.84 -13.50 -19.44
N THR A 180 -35.65 -14.36 -20.44
CA THR A 180 -36.63 -14.44 -21.52
C THR A 180 -37.89 -15.16 -21.07
N SER A 181 -37.74 -16.26 -20.34
CA SER A 181 -38.85 -17.11 -19.95
C SER A 181 -39.04 -17.07 -18.44
N THR A 182 -40.26 -17.40 -18.00
CA THR A 182 -40.52 -17.50 -16.58
C THR A 182 -39.83 -18.71 -15.97
N MET A 183 -39.91 -19.87 -16.64
CA MET A 183 -39.25 -21.07 -16.14
C MET A 183 -37.74 -20.88 -16.09
N ALA A 184 -37.18 -20.25 -17.11
CA ALA A 184 -35.76 -19.96 -17.10
C ALA A 184 -35.38 -19.07 -15.92
N LEU A 185 -36.21 -18.07 -15.62
CA LEU A 185 -35.89 -17.15 -14.54
C LEU A 185 -36.00 -17.82 -13.18
N VAL A 186 -37.01 -18.68 -12.98
CA VAL A 186 -37.11 -19.37 -11.71
C VAL A 186 -35.95 -20.34 -11.54
N PHE A 187 -35.55 -21.01 -12.63
CA PHE A 187 -34.38 -21.89 -12.55
C PHE A 187 -33.14 -21.10 -12.18
N TYR A 188 -32.98 -19.93 -12.79
CA TYR A 188 -31.86 -19.04 -12.51
C TYR A 188 -31.82 -18.69 -11.02
N TYR A 189 -32.94 -18.22 -10.48
CA TYR A 189 -32.96 -17.77 -9.09
C TYR A 189 -32.79 -18.93 -8.12
N VAL A 190 -33.38 -20.08 -8.43
CA VAL A 190 -33.24 -21.25 -7.56
C VAL A 190 -31.77 -21.67 -7.49
N THR A 191 -31.11 -21.76 -8.64
CA THR A 191 -29.71 -22.15 -8.63
C THR A 191 -28.84 -21.13 -7.92
N GLY A 192 -29.10 -19.83 -8.13
CA GLY A 192 -28.33 -18.83 -7.42
C GLY A 192 -28.50 -18.91 -5.92
N PHE A 193 -29.74 -19.12 -5.47
CA PHE A 193 -29.99 -19.25 -4.05
C PHE A 193 -29.25 -20.44 -3.46
N PHE A 194 -29.24 -21.56 -4.17
CA PHE A 194 -28.57 -22.73 -3.59
C PHE A 194 -27.06 -22.64 -3.70
N ILE A 195 -26.53 -21.87 -4.65
CA ILE A 195 -25.10 -21.57 -4.63
C ILE A 195 -24.75 -20.79 -3.36
N ALA A 196 -25.54 -19.76 -3.07
CA ALA A 196 -25.28 -18.98 -1.86
C ALA A 196 -25.42 -19.83 -0.61
N VAL A 197 -26.43 -20.70 -0.58
CA VAL A 197 -26.65 -21.59 0.56
C VAL A 197 -25.46 -22.52 0.76
N SER A 198 -24.97 -23.12 -0.32
CA SER A 198 -23.84 -24.03 -0.22
C SER A 198 -22.59 -23.30 0.29
N VAL A 199 -22.34 -22.10 -0.24
CA VAL A 199 -21.15 -21.35 0.18
C VAL A 199 -21.23 -21.01 1.66
N ILE A 200 -22.38 -20.52 2.10
CA ILE A 200 -22.55 -20.16 3.51
C ILE A 200 -22.41 -21.37 4.40
N ALA A 201 -23.00 -22.51 4.00
CA ALA A 201 -22.89 -23.71 4.81
C ALA A 201 -21.45 -24.19 4.93
N ASN A 202 -20.70 -24.13 3.82
CA ASN A 202 -19.31 -24.54 3.85
C ASN A 202 -18.49 -23.66 4.78
N VAL A 203 -18.80 -22.36 4.82
CA VAL A 203 -18.13 -21.50 5.79
C VAL A 203 -18.55 -21.83 7.22
N VAL A 204 -19.86 -21.99 7.45
CA VAL A 204 -20.40 -22.11 8.80
C VAL A 204 -20.00 -23.42 9.47
N GLU A 205 -19.84 -24.48 8.69
CA GLU A 205 -19.57 -25.78 9.28
C GLU A 205 -18.23 -25.83 10.02
N THR A 206 -17.36 -24.86 9.81
CA THR A 206 -16.09 -24.79 10.53
C THR A 206 -16.16 -23.97 11.80
N VAL A 207 -17.29 -23.35 12.08
CA VAL A 207 -17.40 -22.47 13.25
C VAL A 207 -17.63 -23.33 14.49
N PRO A 208 -16.88 -23.11 15.57
CA PRO A 208 -17.17 -23.82 16.82
C PRO A 208 -18.56 -23.51 17.33
N CYS A 209 -19.33 -24.57 17.58
CA CYS A 209 -20.74 -24.46 17.91
C CYS A 209 -20.99 -24.48 19.40
N GLY A 210 -19.95 -24.37 20.21
CA GLY A 210 -20.07 -24.49 21.65
C GLY A 210 -19.82 -25.92 22.11
N SER A 211 -19.43 -26.04 23.38
CA SER A 211 -19.16 -27.36 23.94
C SER A 211 -20.45 -28.14 24.09
N SER A 212 -20.47 -29.34 23.53
CA SER A 212 -21.65 -30.19 23.61
C SER A 212 -21.79 -30.73 25.03
N PRO A 213 -22.99 -31.23 25.38
CA PRO A 213 -23.18 -31.78 26.73
C PRO A 213 -22.19 -32.89 27.05
N GLY A 214 -21.30 -32.64 27.98
CA GLY A 214 -20.25 -33.59 28.32
C GLY A 214 -19.06 -33.59 27.39
N HIS A 215 -19.06 -32.75 26.35
CA HIS A 215 -17.95 -32.72 25.42
C HIS A 215 -16.72 -32.09 26.04
N ILE A 216 -15.54 -32.58 25.64
CA ILE A 216 -14.29 -32.06 26.17
C ILE A 216 -14.05 -30.64 25.68
N LYS A 217 -14.25 -30.41 24.38
CA LYS A 217 -14.01 -29.11 23.77
C LYS A 217 -15.17 -28.76 22.86
N GLU A 218 -15.23 -27.49 22.46
CA GLU A 218 -16.24 -27.05 21.52
C GLU A 218 -16.07 -27.78 20.19
N LEU A 219 -17.18 -28.16 19.61
CA LEU A 219 -17.20 -28.92 18.37
C LEU A 219 -17.60 -28.01 17.22
N PRO A 220 -16.98 -28.15 16.05
CA PRO A 220 -17.42 -27.38 14.88
C PRO A 220 -18.83 -27.77 14.49
N CYS A 221 -19.59 -26.80 13.97
CA CYS A 221 -20.97 -27.03 13.58
C CYS A 221 -21.08 -28.22 12.64
N GLY A 222 -20.13 -28.36 11.72
CA GLY A 222 -20.15 -29.46 10.78
C GLY A 222 -19.92 -30.81 11.40
N GLU A 223 -19.27 -30.86 12.56
CA GLU A 223 -19.09 -32.12 13.28
C GLU A 223 -20.23 -32.39 14.24
N ARG A 224 -20.75 -31.35 14.88
CA ARG A 224 -21.88 -31.53 15.79
C ARG A 224 -23.15 -31.89 15.04
N TYR A 225 -23.32 -31.41 13.83
CA TYR A 225 -24.52 -31.64 13.02
C TYR A 225 -24.13 -32.22 11.66
N ALA A 226 -23.33 -33.28 11.69
CA ALA A 226 -22.82 -33.87 10.46
C ALA A 226 -23.94 -34.31 9.53
N VAL A 227 -25.03 -34.85 10.09
CA VAL A 227 -26.14 -35.30 9.27
C VAL A 227 -26.81 -34.13 8.58
N ALA A 228 -27.08 -33.05 9.33
CA ALA A 228 -27.75 -31.89 8.76
C ALA A 228 -26.91 -31.25 7.65
N PHE A 229 -25.62 -31.10 7.89
CA PHE A 229 -24.76 -30.49 6.88
C PHE A 229 -24.60 -31.39 5.68
N PHE A 230 -24.54 -32.71 5.90
CA PHE A 230 -24.50 -33.64 4.78
C PHE A 230 -25.77 -33.57 3.94
N CYS A 231 -26.92 -33.45 4.59
CA CYS A 231 -28.18 -33.33 3.85
C CYS A 231 -28.23 -32.05 3.04
N LEU A 232 -27.80 -30.93 3.63
CA LEU A 232 -27.76 -29.67 2.90
C LEU A 232 -26.80 -29.76 1.71
N ASP A 233 -25.63 -30.35 1.92
CA ASP A 233 -24.68 -30.53 0.84
C ASP A 233 -25.25 -31.42 -0.25
N THR A 234 -25.94 -32.50 0.13
CA THR A 234 -26.53 -33.39 -0.85
C THR A 234 -27.59 -32.69 -1.67
N ALA A 235 -28.43 -31.88 -1.04
CA ALA A 235 -29.45 -31.15 -1.77
C ALA A 235 -28.82 -30.19 -2.77
N CYS A 236 -27.83 -29.41 -2.31
CA CYS A 236 -27.17 -28.47 -3.21
C CYS A 236 -26.49 -29.19 -4.36
N VAL A 237 -25.80 -30.30 -4.08
CA VAL A 237 -25.08 -31.00 -5.14
C VAL A 237 -26.05 -31.65 -6.11
N MET A 238 -27.19 -32.16 -5.63
CA MET A 238 -28.18 -32.73 -6.53
C MET A 238 -28.75 -31.65 -7.45
N ILE A 239 -29.03 -30.47 -6.90
CA ILE A 239 -29.51 -29.37 -7.74
C ILE A 239 -28.46 -29.01 -8.80
N PHE A 240 -27.20 -28.90 -8.39
CA PHE A 240 -26.15 -28.56 -9.35
C PHE A 240 -25.98 -29.64 -10.41
N THR A 241 -26.13 -30.90 -10.02
CA THR A 241 -25.96 -31.99 -10.98
C THR A 241 -27.10 -32.05 -11.97
N VAL A 242 -28.33 -31.85 -11.50
CA VAL A 242 -29.47 -31.82 -12.42
C VAL A 242 -29.35 -30.63 -13.36
N GLU A 243 -28.92 -29.48 -12.84
CA GLU A 243 -28.66 -28.32 -13.69
C GLU A 243 -27.64 -28.63 -14.77
N TYR A 244 -26.51 -29.23 -14.38
CA TYR A 244 -25.45 -29.51 -15.34
C TYR A 244 -25.90 -30.54 -16.37
N LEU A 245 -26.65 -31.56 -15.94
CA LEU A 245 -27.12 -32.58 -16.87
C LEU A 245 -28.13 -32.00 -17.84
N LEU A 246 -28.99 -31.10 -17.37
CA LEU A 246 -29.92 -30.43 -18.28
C LEU A 246 -29.18 -29.55 -19.29
N ARG A 247 -28.15 -28.83 -18.84
CA ARG A 247 -27.37 -28.02 -19.76
C ARG A 247 -26.66 -28.88 -20.79
N LEU A 248 -26.13 -30.02 -20.37
CA LEU A 248 -25.50 -30.95 -21.30
C LEU A 248 -26.50 -31.51 -22.29
N ALA A 249 -27.71 -31.82 -21.82
CA ALA A 249 -28.74 -32.37 -22.69
C ALA A 249 -29.17 -31.36 -23.74
N ALA A 250 -29.32 -30.10 -23.36
CA ALA A 250 -29.83 -29.07 -24.24
C ALA A 250 -28.74 -28.34 -25.01
N ALA A 251 -27.49 -28.75 -24.88
CA ALA A 251 -26.40 -28.09 -25.59
C ALA A 251 -26.47 -28.42 -27.08
N PRO A 252 -26.32 -27.44 -27.97
CA PRO A 252 -26.26 -27.76 -29.41
C PRO A 252 -25.05 -28.61 -29.75
N SER A 253 -23.85 -28.13 -29.43
CA SER A 253 -22.62 -28.90 -29.61
C SER A 253 -22.16 -29.32 -28.21
N ARG A 254 -22.49 -30.56 -27.85
CA ARG A 254 -22.26 -31.00 -26.48
C ARG A 254 -20.79 -30.94 -26.10
N TYR A 255 -19.91 -31.36 -27.01
CA TYR A 255 -18.48 -31.35 -26.69
C TYR A 255 -17.99 -29.91 -26.50
N ARG A 256 -18.53 -28.97 -27.29
CA ARG A 256 -18.14 -27.57 -27.12
C ARG A 256 -18.60 -27.03 -25.77
N PHE A 257 -19.79 -27.45 -25.32
CA PHE A 257 -20.22 -27.10 -23.98
C PHE A 257 -19.29 -27.67 -22.93
N VAL A 258 -18.95 -28.96 -23.04
CA VAL A 258 -18.20 -29.64 -22.01
C VAL A 258 -16.83 -28.99 -21.81
N ARG A 259 -16.22 -28.51 -22.89
CA ARG A 259 -14.91 -27.90 -22.79
C ARG A 259 -14.96 -26.41 -22.43
N SER A 260 -16.14 -25.83 -22.31
CA SER A 260 -16.26 -24.42 -21.94
C SER A 260 -15.91 -24.22 -20.48
N VAL A 261 -15.58 -22.97 -20.14
CA VAL A 261 -15.11 -22.65 -18.80
C VAL A 261 -16.21 -22.85 -17.76
N MET A 262 -17.45 -22.49 -18.08
CA MET A 262 -18.54 -22.69 -17.15
C MET A 262 -18.75 -24.17 -16.85
N SER A 263 -18.59 -25.03 -17.86
CA SER A 263 -18.73 -26.47 -17.62
C SER A 263 -17.63 -26.98 -16.71
N ILE A 264 -16.40 -26.50 -16.89
CA ILE A 264 -15.32 -26.91 -16.00
C ILE A 264 -15.62 -26.45 -14.58
N ILE A 265 -16.15 -25.24 -14.43
CA ILE A 265 -16.51 -24.76 -13.10
C ILE A 265 -17.57 -25.64 -12.47
N ASP A 266 -18.61 -26.01 -13.24
CA ASP A 266 -19.67 -26.83 -12.70
C ASP A 266 -19.17 -28.21 -12.32
N VAL A 267 -18.30 -28.80 -13.14
CA VAL A 267 -17.76 -30.11 -12.84
C VAL A 267 -16.87 -30.06 -11.60
N VAL A 268 -16.05 -29.02 -11.48
CA VAL A 268 -15.22 -28.87 -10.28
C VAL A 268 -16.10 -28.65 -9.05
N ALA A 269 -17.25 -28.03 -9.24
CA ALA A 269 -18.17 -27.83 -8.12
C ALA A 269 -18.80 -29.13 -7.67
N ILE A 270 -19.16 -30.01 -8.60
CA ILE A 270 -19.90 -31.21 -8.20
C ILE A 270 -19.00 -32.41 -7.88
N LEU A 271 -17.81 -32.49 -8.45
CA LEU A 271 -17.00 -33.71 -8.30
C LEU A 271 -16.62 -34.02 -6.86
N PRO A 272 -16.15 -33.09 -6.03
CA PRO A 272 -15.71 -33.47 -4.68
C PRO A 272 -16.75 -34.21 -3.88
N TYR A 273 -18.03 -33.90 -4.06
CA TYR A 273 -19.07 -34.63 -3.34
C TYR A 273 -19.04 -36.11 -3.69
N TYR A 274 -18.98 -36.43 -4.98
CA TYR A 274 -18.99 -37.82 -5.41
C TYR A 274 -17.70 -38.53 -5.04
N ILE A 275 -16.57 -37.84 -5.17
CA ILE A 275 -15.30 -38.44 -4.74
C ILE A 275 -15.33 -38.74 -3.25
N GLY A 276 -15.86 -37.82 -2.45
CA GLY A 276 -15.97 -38.07 -1.02
C GLY A 276 -16.90 -39.23 -0.71
N LEU A 277 -17.94 -39.42 -1.52
CA LEU A 277 -18.77 -40.61 -1.36
C LEU A 277 -17.96 -41.87 -1.64
N VAL A 278 -17.17 -41.85 -2.72
CA VAL A 278 -16.37 -43.02 -3.08
C VAL A 278 -15.30 -43.30 -2.02
N MET A 279 -14.76 -42.23 -1.43
CA MET A 279 -13.70 -42.34 -0.42
C MET A 279 -14.22 -42.10 0.98
N THR A 280 -15.42 -42.60 1.29
CA THR A 280 -15.97 -42.38 2.63
C THR A 280 -15.14 -43.06 3.71
N ASP A 281 -14.43 -44.13 3.36
CA ASP A 281 -13.53 -44.76 4.32
C ASP A 281 -12.35 -43.85 4.65
N ASN A 282 -11.92 -43.04 3.68
CA ASN A 282 -10.79 -42.13 3.86
C ASN A 282 -11.23 -40.74 4.31
N GLU A 283 -12.50 -40.57 4.68
CA GLU A 283 -12.96 -39.25 5.14
C GLU A 283 -12.22 -38.81 6.39
N ASP A 284 -12.00 -39.73 7.32
CA ASP A 284 -11.21 -39.39 8.51
C ASP A 284 -9.77 -39.09 8.14
N VAL A 285 -9.22 -39.78 7.14
CA VAL A 285 -7.84 -39.58 6.73
C VAL A 285 -7.70 -38.18 6.12
N SER A 286 -6.68 -37.45 6.57
CA SER A 286 -6.45 -36.09 6.12
C SER A 286 -5.86 -36.12 4.71
N GLY A 287 -5.41 -34.96 4.23
CA GLY A 287 -4.83 -34.86 2.90
C GLY A 287 -5.87 -34.80 1.82
N ALA A 288 -6.55 -35.93 1.57
CA ALA A 288 -7.60 -35.94 0.58
C ALA A 288 -8.86 -35.27 1.09
N PHE A 289 -9.19 -35.48 2.37
CA PHE A 289 -10.35 -34.85 2.97
C PHE A 289 -10.23 -33.34 2.93
N VAL A 290 -9.06 -32.83 3.31
CA VAL A 290 -8.84 -31.39 3.31
C VAL A 290 -8.88 -30.85 1.89
N THR A 291 -8.35 -31.61 0.93
CA THR A 291 -8.39 -31.16 -0.46
C THR A 291 -9.82 -31.06 -0.98
N LEU A 292 -10.66 -32.05 -0.66
CA LEU A 292 -12.05 -31.97 -1.08
C LEU A 292 -12.76 -30.80 -0.40
N ARG A 293 -12.49 -30.59 0.88
CA ARG A 293 -13.06 -29.45 1.59
C ARG A 293 -12.66 -28.14 0.93
N VAL A 294 -11.41 -28.02 0.52
CA VAL A 294 -10.95 -26.80 -0.15
C VAL A 294 -11.61 -26.65 -1.50
N PHE A 295 -11.73 -27.74 -2.25
CA PHE A 295 -12.31 -27.67 -3.58
C PHE A 295 -13.78 -27.36 -3.55
N ARG A 296 -14.45 -27.56 -2.42
CA ARG A 296 -15.85 -27.17 -2.32
C ARG A 296 -16.04 -25.66 -2.43
N VAL A 297 -15.01 -24.85 -2.17
CA VAL A 297 -15.19 -23.40 -2.20
C VAL A 297 -15.27 -22.86 -3.63
N PHE A 298 -14.93 -23.67 -4.63
CA PHE A 298 -15.02 -23.21 -6.01
C PHE A 298 -16.45 -23.23 -6.55
N ARG A 299 -17.42 -23.68 -5.76
CA ARG A 299 -18.81 -23.49 -6.12
C ARG A 299 -19.19 -22.02 -6.18
N ILE A 300 -18.42 -21.16 -5.52
CA ILE A 300 -18.69 -19.73 -5.58
C ILE A 300 -18.44 -19.18 -6.98
N PHE A 301 -17.66 -19.88 -7.80
CA PHE A 301 -17.43 -19.46 -9.17
C PHE A 301 -18.63 -19.74 -10.08
N LYS A 302 -19.63 -20.48 -9.59
CA LYS A 302 -20.87 -20.62 -10.32
C LYS A 302 -21.70 -19.34 -10.32
N PHE A 303 -21.33 -18.36 -9.50
CA PHE A 303 -21.94 -17.04 -9.57
C PHE A 303 -21.55 -16.27 -10.80
N SER A 304 -20.54 -16.74 -11.55
CA SER A 304 -20.18 -16.08 -12.79
C SER A 304 -21.32 -16.12 -13.79
N ARG A 305 -22.20 -17.11 -13.66
CA ARG A 305 -23.40 -17.15 -14.49
C ARG A 305 -24.43 -16.13 -14.05
N HIS A 306 -24.31 -15.58 -12.85
CA HIS A 306 -25.24 -14.56 -12.36
C HIS A 306 -24.64 -13.17 -12.34
N SER A 307 -23.33 -13.04 -12.40
CA SER A 307 -22.66 -11.75 -12.30
C SER A 307 -22.01 -11.42 -13.64
N GLN A 308 -22.41 -10.29 -14.22
CA GLN A 308 -21.79 -9.83 -15.45
C GLN A 308 -20.40 -9.28 -15.18
N GLY A 309 -20.20 -8.63 -14.04
CA GLY A 309 -18.88 -8.16 -13.67
C GLY A 309 -17.86 -9.27 -13.53
N LEU A 310 -18.30 -10.43 -13.03
CA LEU A 310 -17.41 -11.58 -12.89
C LEU A 310 -16.97 -12.10 -14.26
N ARG A 311 -17.91 -12.19 -15.20
CA ARG A 311 -17.56 -12.60 -16.55
C ARG A 311 -16.64 -11.59 -17.21
N ILE A 312 -16.88 -10.30 -16.99
CA ILE A 312 -16.02 -9.27 -17.56
C ILE A 312 -14.61 -9.37 -16.96
N LEU A 313 -14.53 -9.67 -15.66
CA LEU A 313 -13.22 -9.87 -15.05
C LEU A 313 -12.50 -11.07 -15.66
N GLY A 314 -13.23 -12.14 -15.93
CA GLY A 314 -12.61 -13.26 -16.63
C GLY A 314 -12.11 -12.87 -18.01
N TYR A 315 -12.92 -12.10 -18.75
CA TYR A 315 -12.53 -11.67 -20.09
C TYR A 315 -11.30 -10.79 -20.04
N THR A 316 -11.21 -9.90 -19.06
CA THR A 316 -10.05 -9.02 -19.01
C THR A 316 -8.80 -9.76 -18.54
N LEU A 317 -8.95 -10.74 -17.65
CA LEU A 317 -7.80 -11.55 -17.28
C LEU A 317 -7.29 -12.35 -18.47
N LYS A 318 -8.20 -12.88 -19.28
CA LYS A 318 -7.78 -13.56 -20.50
C LYS A 318 -7.15 -12.59 -21.49
N SER A 319 -7.69 -11.37 -21.56
CA SER A 319 -7.17 -10.36 -22.47
C SER A 319 -5.78 -9.89 -22.08
N CYS A 320 -5.48 -9.84 -20.78
CA CYS A 320 -4.20 -9.38 -20.27
C CYS A 320 -3.27 -10.54 -19.94
N ALA A 321 -3.35 -11.64 -20.68
CA ALA A 321 -2.60 -12.84 -20.32
C ALA A 321 -1.10 -12.61 -20.40
N SER A 322 -0.64 -11.89 -21.43
CA SER A 322 0.80 -11.67 -21.57
C SER A 322 1.34 -10.78 -20.45
N GLU A 323 0.57 -9.77 -20.06
CA GLU A 323 1.02 -8.88 -18.98
C GLU A 323 1.01 -9.59 -17.64
N LEU A 324 0.03 -10.47 -17.41
CA LEU A 324 0.04 -11.28 -16.20
C LEU A 324 1.20 -12.27 -16.20
N GLY A 325 1.51 -12.85 -17.36
CA GLY A 325 2.66 -13.72 -17.45
C GLY A 325 3.96 -13.00 -17.15
N PHE A 326 4.11 -11.78 -17.67
CA PHE A 326 5.31 -11.02 -17.34
C PHE A 326 5.31 -10.58 -15.89
N LEU A 327 4.14 -10.32 -15.31
CA LEU A 327 4.08 -10.03 -13.89
C LEU A 327 4.61 -11.20 -13.09
N LEU A 328 4.14 -12.41 -13.40
CA LEU A 328 4.62 -13.60 -12.70
C LEU A 328 6.13 -13.77 -12.88
N PHE A 329 6.62 -13.60 -14.11
CA PHE A 329 8.04 -13.83 -14.37
C PHE A 329 8.92 -12.80 -13.67
N SER A 330 8.59 -11.51 -13.80
CA SER A 330 9.42 -10.49 -13.19
C SER A 330 9.30 -10.49 -11.68
N LEU A 331 8.13 -10.85 -11.16
CA LEU A 331 7.98 -11.03 -9.72
C LEU A 331 8.84 -12.17 -9.22
N THR A 332 8.88 -13.29 -9.95
CA THR A 332 9.75 -14.40 -9.58
C THR A 332 11.21 -13.99 -9.60
N MET A 333 11.61 -13.25 -10.64
CA MET A 333 12.99 -12.80 -10.73
C MET A 333 13.36 -11.91 -9.56
N ALA A 334 12.53 -10.92 -9.26
CA ALA A 334 12.82 -10.01 -8.18
C ALA A 334 12.82 -10.73 -6.83
N ILE A 335 11.89 -11.66 -6.63
CA ILE A 335 11.85 -12.41 -5.39
C ILE A 335 13.14 -13.20 -5.20
N ILE A 336 13.61 -13.86 -6.27
CA ILE A 336 14.83 -14.66 -6.16
C ILE A 336 16.02 -13.76 -5.85
N ILE A 337 16.14 -12.65 -6.57
CA ILE A 337 17.29 -11.75 -6.37
C ILE A 337 17.31 -11.21 -4.95
N PHE A 338 16.18 -10.66 -4.51
CA PHE A 338 16.16 -10.01 -3.21
C PHE A 338 16.23 -11.03 -2.08
N ALA A 339 15.66 -12.23 -2.26
CA ALA A 339 15.79 -13.24 -1.24
C ALA A 339 17.22 -13.73 -1.12
N THR A 340 17.94 -13.85 -2.23
CA THR A 340 19.36 -14.19 -2.17
C THR A 340 20.13 -13.15 -1.37
N VAL A 341 19.93 -11.88 -1.72
CA VAL A 341 20.68 -10.81 -1.04
C VAL A 341 20.30 -10.74 0.43
N MET A 342 19.01 -10.84 0.74
CA MET A 342 18.54 -10.77 2.12
C MET A 342 19.07 -11.94 2.94
N PHE A 343 19.07 -13.14 2.35
CA PHE A 343 19.59 -14.29 3.07
C PHE A 343 21.05 -14.14 3.39
N TYR A 344 21.86 -13.68 2.43
CA TYR A 344 23.28 -13.56 2.72
C TYR A 344 23.58 -12.38 3.63
N ALA A 345 22.74 -11.35 3.63
CA ALA A 345 22.93 -10.26 4.58
C ALA A 345 22.49 -10.62 5.99
N GLU A 346 21.51 -11.51 6.14
CA GLU A 346 20.87 -11.74 7.42
C GLU A 346 21.12 -13.10 8.04
N LYS A 347 21.80 -14.01 7.35
CA LYS A 347 21.94 -15.37 7.87
C LYS A 347 22.77 -15.41 9.14
N GLY A 348 23.70 -14.48 9.32
CA GLY A 348 24.54 -14.48 10.49
C GLY A 348 23.96 -13.87 11.74
N SER A 349 22.77 -13.29 11.65
CA SER A 349 22.16 -12.65 12.79
C SER A 349 21.79 -13.69 13.85
N SER A 350 21.64 -13.22 15.09
CA SER A 350 21.31 -14.11 16.19
C SER A 350 19.84 -14.51 16.11
N ALA A 351 19.59 -15.82 16.18
CA ALA A 351 18.25 -16.38 16.03
C ALA A 351 17.60 -15.88 14.74
N SER A 352 18.36 -15.93 13.66
CA SER A 352 17.91 -15.38 12.39
C SER A 352 16.79 -16.23 11.79
N LYS A 353 15.70 -15.57 11.39
CA LYS A 353 14.66 -16.24 10.63
C LYS A 353 15.10 -16.54 9.21
N PHE A 354 16.14 -15.86 8.72
CA PHE A 354 16.64 -16.03 7.36
C PHE A 354 17.56 -17.24 7.33
N THR A 355 16.95 -18.42 7.38
CA THR A 355 17.67 -19.68 7.48
C THR A 355 18.02 -20.28 6.12
N SER A 356 17.41 -19.80 5.05
CA SER A 356 17.75 -20.21 3.70
C SER A 356 17.17 -19.16 2.75
N ILE A 357 17.57 -19.24 1.49
CA ILE A 357 16.98 -18.37 0.46
C ILE A 357 15.49 -18.63 0.29
N PRO A 358 15.00 -19.87 0.23
CA PRO A 358 13.55 -20.09 0.24
C PRO A 358 12.86 -19.54 1.48
N ALA A 359 13.51 -19.57 2.64
CA ALA A 359 12.92 -18.94 3.81
C ALA A 359 12.81 -17.43 3.61
N ALA A 360 13.81 -16.82 2.98
CA ALA A 360 13.78 -15.39 2.67
C ALA A 360 12.80 -15.05 1.56
N PHE A 361 12.31 -16.04 0.80
CA PHE A 361 11.22 -15.78 -0.15
C PHE A 361 10.03 -15.14 0.55
N TRP A 362 9.68 -15.64 1.74
CA TRP A 362 8.53 -15.14 2.46
C TRP A 362 8.71 -13.67 2.85
N TYR A 363 9.88 -13.34 3.40
CA TYR A 363 10.17 -11.96 3.72
C TYR A 363 10.09 -11.09 2.47
N THR A 364 10.68 -11.56 1.37
CA THR A 364 10.75 -10.76 0.16
C THR A 364 9.37 -10.49 -0.42
N ILE A 365 8.50 -11.50 -0.45
CA ILE A 365 7.17 -11.27 -1.00
C ILE A 365 6.35 -10.40 -0.05
N VAL A 366 6.53 -10.53 1.26
CA VAL A 366 5.81 -9.66 2.18
C VAL A 366 6.28 -8.21 2.05
N THR A 367 7.56 -8.00 1.77
CA THR A 367 8.08 -6.65 1.62
C THR A 367 7.71 -6.04 0.28
N MET A 368 7.71 -6.83 -0.79
CA MET A 368 7.46 -6.31 -2.12
C MET A 368 6.03 -5.81 -2.28
N THR A 369 5.06 -6.49 -1.66
CA THR A 369 3.67 -6.08 -1.71
C THR A 369 3.35 -4.98 -0.71
N THR A 370 4.32 -4.59 0.12
CA THR A 370 4.14 -3.63 1.21
C THR A 370 3.17 -4.13 2.27
N LEU A 371 3.04 -5.46 2.43
CA LEU A 371 2.33 -6.00 3.59
C LEU A 371 3.02 -5.65 4.90
N GLY A 372 4.29 -5.99 5.02
CA GLY A 372 5.03 -5.72 6.23
C GLY A 372 4.53 -6.37 7.50
N TYR A 373 4.26 -7.68 7.46
CA TYR A 373 3.77 -8.37 8.66
C TYR A 373 4.66 -8.08 9.86
N GLY A 374 5.96 -8.07 9.66
CA GLY A 374 6.90 -7.89 10.75
C GLY A 374 7.36 -9.16 11.42
N ASP A 375 6.88 -10.33 10.98
CA ASP A 375 7.38 -11.58 11.55
C ASP A 375 8.82 -11.82 11.13
N MET A 376 9.18 -11.43 9.92
CA MET A 376 10.56 -11.43 9.44
C MET A 376 10.97 -9.99 9.23
N VAL A 377 12.02 -9.55 9.91
CA VAL A 377 12.57 -8.22 9.67
C VAL A 377 14.10 -8.30 9.66
N PRO A 378 14.78 -7.55 8.80
CA PRO A 378 16.23 -7.53 8.85
C PRO A 378 16.75 -6.85 10.10
N LYS A 379 17.93 -7.28 10.54
CA LYS A 379 18.59 -6.70 11.69
C LYS A 379 19.92 -6.06 11.37
N THR A 380 20.51 -6.33 10.22
CA THR A 380 21.78 -5.77 9.81
C THR A 380 21.55 -4.57 8.90
N ILE A 381 22.58 -3.73 8.78
CA ILE A 381 22.47 -2.52 7.95
C ILE A 381 22.24 -2.90 6.50
N ALA A 382 23.00 -3.88 5.99
CA ALA A 382 22.80 -4.34 4.63
C ALA A 382 21.40 -4.88 4.45
N GLY A 383 20.89 -5.60 5.45
CA GLY A 383 19.52 -6.06 5.41
C GLY A 383 18.51 -4.94 5.29
N LYS A 384 18.70 -3.87 6.07
CA LYS A 384 17.79 -2.73 6.00
C LYS A 384 17.82 -2.09 4.61
N ILE A 385 19.03 -1.89 4.07
CA ILE A 385 19.16 -1.23 2.78
C ILE A 385 18.48 -2.05 1.69
N PHE A 386 18.74 -3.36 1.67
CA PHE A 386 18.19 -4.17 0.60
C PHE A 386 16.71 -4.44 0.81
N GLY A 387 16.23 -4.41 2.05
CA GLY A 387 14.79 -4.47 2.28
C GLY A 387 14.07 -3.24 1.76
N SER A 388 14.66 -2.07 1.98
CA SER A 388 14.07 -0.85 1.44
C SER A 388 14.01 -0.88 -0.09
N ILE A 389 15.14 -1.26 -0.71
CA ILE A 389 15.17 -1.37 -2.16
C ILE A 389 14.17 -2.41 -2.65
N CYS A 390 14.02 -3.51 -1.90
CA CYS A 390 13.07 -4.54 -2.26
C CYS A 390 11.64 -4.01 -2.24
N SER A 391 11.29 -3.24 -1.22
CA SER A 391 9.93 -2.70 -1.15
C SER A 391 9.65 -1.79 -2.35
N LEU A 392 10.59 -0.91 -2.68
CA LEU A 392 10.38 -0.02 -3.82
C LEU A 392 10.29 -0.79 -5.13
N SER A 393 11.19 -1.76 -5.33
CA SER A 393 11.19 -2.54 -6.56
C SER A 393 9.91 -3.35 -6.70
N GLY A 394 9.41 -3.90 -5.59
CA GLY A 394 8.15 -4.61 -5.63
C GLY A 394 7.00 -3.71 -6.00
N VAL A 395 7.00 -2.49 -5.47
CA VAL A 395 5.96 -1.53 -5.87
C VAL A 395 5.99 -1.33 -7.38
N LEU A 396 7.18 -1.12 -7.95
CA LEU A 396 7.28 -0.91 -9.39
C LEU A 396 6.79 -2.13 -10.18
N VAL A 397 7.27 -3.32 -9.80
CA VAL A 397 6.94 -4.54 -10.54
C VAL A 397 5.44 -4.80 -10.50
N ILE A 398 4.82 -4.64 -9.33
CA ILE A 398 3.39 -4.88 -9.22
C ILE A 398 2.59 -3.79 -9.93
N ALA A 399 3.09 -2.56 -9.94
CA ALA A 399 2.37 -1.49 -10.61
C ALA A 399 2.41 -1.60 -12.13
N LEU A 400 3.38 -2.35 -12.68
CA LEU A 400 3.46 -2.43 -14.14
C LEU A 400 2.18 -2.90 -14.83
N PRO A 401 1.51 -3.99 -14.42
CA PRO A 401 0.32 -4.44 -15.17
C PRO A 401 -1.02 -3.91 -14.68
N VAL A 402 -1.05 -3.23 -13.54
CA VAL A 402 -2.33 -2.77 -12.98
C VAL A 402 -3.06 -1.81 -13.91
N PRO A 403 -2.42 -0.78 -14.48
CA PRO A 403 -3.16 0.09 -15.41
C PRO A 403 -3.71 -0.66 -16.60
N VAL A 404 -2.97 -1.64 -17.11
CA VAL A 404 -3.46 -2.42 -18.25
C VAL A 404 -4.72 -3.19 -17.86
N ILE A 405 -4.69 -3.83 -16.70
CA ILE A 405 -5.85 -4.62 -16.28
C ILE A 405 -7.06 -3.72 -16.04
N VAL A 406 -6.86 -2.60 -15.37
CA VAL A 406 -7.96 -1.68 -15.10
C VAL A 406 -8.52 -1.13 -16.40
N SER A 407 -7.64 -0.73 -17.33
CA SER A 407 -8.08 -0.19 -18.61
C SER A 407 -8.87 -1.21 -19.41
N ASN A 408 -8.39 -2.47 -19.44
CA ASN A 408 -9.12 -3.48 -20.20
C ASN A 408 -10.45 -3.81 -19.55
N PHE A 409 -10.51 -3.80 -18.22
CA PHE A 409 -11.78 -4.04 -17.56
C PHE A 409 -12.79 -2.95 -17.93
N SER A 410 -12.37 -1.69 -17.87
CA SER A 410 -13.25 -0.60 -18.25
C SER A 410 -13.63 -0.68 -19.72
N ARG A 411 -12.69 -1.05 -20.59
CA ARG A 411 -12.98 -1.17 -22.01
C ARG A 411 -14.01 -2.24 -22.29
N ILE A 412 -13.88 -3.40 -21.65
CA ILE A 412 -14.83 -4.49 -21.88
C ILE A 412 -16.19 -4.11 -21.31
N TYR A 413 -16.22 -3.47 -20.15
CA TYR A 413 -17.49 -3.00 -19.60
C TYR A 413 -18.17 -2.01 -20.53
N HIS A 414 -17.40 -1.07 -21.08
CA HIS A 414 -17.98 -0.06 -21.96
C HIS A 414 -18.44 -0.66 -23.27
N GLN A 415 -17.72 -1.65 -23.79
CA GLN A 415 -18.19 -2.34 -24.98
C GLN A 415 -19.49 -3.09 -24.71
N ASN A 416 -19.59 -3.72 -23.54
CA ASN A 416 -20.82 -4.40 -23.17
C ASN A 416 -21.98 -3.43 -23.11
N GLN A 417 -21.76 -2.24 -22.53
CA GLN A 417 -22.85 -1.27 -22.41
C GLN A 417 -23.16 -0.57 -23.73
N ARG A 418 -22.19 -0.45 -24.65
CA ARG A 418 -22.49 -0.06 -26.04
C ARG A 418 -23.37 -1.09 -26.72
N ALA A 419 -23.05 -2.37 -26.58
CA ALA A 419 -23.88 -3.41 -27.17
C ALA A 419 -25.28 -3.40 -26.58
N ASP A 420 -25.38 -3.23 -25.25
CA ASP A 420 -26.68 -3.23 -24.59
C ASP A 420 -27.54 -2.06 -25.05
N LYS A 421 -26.95 -0.88 -25.18
CA LYS A 421 -27.73 0.27 -25.64
C LYS A 421 -28.02 0.21 -27.13
N ARG A 422 -27.18 -0.48 -27.91
CA ARG A 422 -27.46 -0.65 -29.33
C ARG A 422 -28.64 -1.58 -29.54
N ARG A 423 -28.64 -2.74 -28.87
CA ARG A 423 -29.72 -3.70 -29.07
C ARG A 423 -30.97 -3.36 -28.26
N ALA A 424 -30.91 -2.34 -27.41
CA ALA A 424 -32.08 -1.94 -26.63
C ALA A 424 -32.12 -0.43 -26.44
N THR B 166 32.85 -15.13 -44.43
CA THR B 166 31.50 -14.67 -44.13
C THR B 166 30.87 -15.51 -43.04
N ALA B 167 31.63 -16.45 -42.50
CA ALA B 167 31.09 -17.29 -41.43
C ALA B 167 30.87 -16.49 -40.15
N ARG B 168 31.69 -15.46 -39.92
CA ARG B 168 31.54 -14.65 -38.72
C ARG B 168 30.18 -13.96 -38.68
N GLN B 169 29.78 -13.35 -39.79
CA GLN B 169 28.48 -12.69 -39.82
C GLN B 169 27.35 -13.70 -39.74
N ARG B 170 27.56 -14.90 -40.26
CA ARG B 170 26.54 -15.95 -40.14
C ARG B 170 26.34 -16.35 -38.68
N VAL B 171 27.43 -16.57 -37.96
CA VAL B 171 27.33 -16.91 -36.54
C VAL B 171 26.69 -15.77 -35.77
N TRP B 172 27.08 -14.53 -36.08
CA TRP B 172 26.49 -13.39 -35.40
C TRP B 172 24.99 -13.30 -35.66
N ARG B 173 24.56 -13.52 -36.90
CA ARG B 173 23.14 -13.48 -37.22
C ARG B 173 22.40 -14.59 -36.47
N ALA B 174 23.01 -15.76 -36.35
CA ALA B 174 22.41 -16.83 -35.57
C ALA B 174 22.25 -16.41 -34.10
N PHE B 175 23.29 -15.78 -33.55
CA PHE B 175 23.24 -15.41 -32.14
C PHE B 175 22.22 -14.31 -31.88
N GLU B 176 22.15 -13.33 -32.78
CA GLU B 176 21.23 -12.21 -32.60
C GLU B 176 19.79 -12.61 -32.86
N ASN B 177 19.57 -13.47 -33.85
CA ASN B 177 18.23 -13.96 -34.18
C ASN B 177 18.24 -15.47 -33.96
N PRO B 178 17.90 -15.92 -32.76
CA PRO B 178 17.90 -17.37 -32.50
C PRO B 178 16.91 -18.14 -33.36
N HIS B 179 15.76 -17.53 -33.70
CA HIS B 179 14.70 -18.25 -34.38
C HIS B 179 14.91 -18.37 -35.88
N THR B 180 15.96 -17.76 -36.43
CA THR B 180 16.20 -17.89 -37.86
C THR B 180 16.74 -19.26 -38.22
N SER B 181 17.68 -19.78 -37.42
CA SER B 181 18.38 -21.01 -37.72
C SER B 181 18.02 -22.07 -36.69
N THR B 182 18.19 -23.34 -37.07
CA THR B 182 17.98 -24.43 -36.13
C THR B 182 19.09 -24.45 -35.08
N MET B 183 20.35 -24.32 -35.52
CA MET B 183 21.47 -24.31 -34.57
C MET B 183 21.36 -23.14 -33.61
N ALA B 184 20.98 -21.97 -34.12
CA ALA B 184 20.77 -20.81 -33.25
C ALA B 184 19.69 -21.10 -32.21
N LEU B 185 18.60 -21.75 -32.62
CA LEU B 185 17.51 -22.00 -31.70
C LEU B 185 17.89 -23.02 -30.64
N VAL B 186 18.62 -24.07 -31.01
CA VAL B 186 19.04 -25.04 -30.01
C VAL B 186 20.04 -24.41 -29.05
N PHE B 187 20.93 -23.54 -29.55
CA PHE B 187 21.85 -22.84 -28.67
C PHE B 187 21.07 -21.96 -27.69
N TYR B 188 20.06 -21.27 -28.20
CA TYR B 188 19.20 -20.42 -27.39
C TYR B 188 18.56 -21.22 -26.25
N TYR B 189 17.92 -22.34 -26.59
CA TYR B 189 17.21 -23.12 -25.59
C TYR B 189 18.16 -23.78 -24.59
N VAL B 190 19.31 -24.25 -25.06
CA VAL B 190 20.30 -24.85 -24.17
C VAL B 190 20.78 -23.84 -23.14
N THR B 191 21.13 -22.63 -23.61
CA THR B 191 21.60 -21.62 -22.69
C THR B 191 20.51 -21.19 -21.71
N GLY B 192 19.27 -21.06 -22.19
CA GLY B 192 18.20 -20.70 -21.28
C GLY B 192 17.97 -21.76 -20.22
N PHE B 193 18.02 -23.03 -20.62
CA PHE B 193 17.83 -24.12 -19.66
C PHE B 193 18.92 -24.10 -18.61
N PHE B 194 20.17 -23.85 -19.02
CA PHE B 194 21.23 -23.87 -18.02
C PHE B 194 21.26 -22.62 -17.17
N ILE B 195 20.73 -21.50 -17.66
CA ILE B 195 20.51 -20.36 -16.78
C ILE B 195 19.52 -20.72 -15.68
N ALA B 196 18.40 -21.34 -16.07
CA ALA B 196 17.42 -21.73 -15.06
C ALA B 196 18.00 -22.74 -14.08
N VAL B 197 18.78 -23.69 -14.60
CA VAL B 197 19.41 -24.70 -13.74
C VAL B 197 20.35 -24.06 -12.73
N SER B 198 21.19 -23.13 -13.20
CA SER B 198 22.12 -22.46 -12.29
C SER B 198 21.39 -21.67 -11.22
N VAL B 199 20.33 -20.95 -11.60
CA VAL B 199 19.59 -20.15 -10.63
C VAL B 199 18.95 -21.05 -9.57
N ILE B 200 18.32 -22.14 -10.01
CA ILE B 200 17.67 -23.05 -9.08
C ILE B 200 18.70 -23.69 -8.16
N ALA B 201 19.85 -24.10 -8.70
CA ALA B 201 20.88 -24.72 -7.86
C ALA B 201 21.40 -23.75 -6.82
N ASN B 202 21.61 -22.49 -7.21
CA ASN B 202 22.09 -21.49 -6.27
C ASN B 202 21.09 -21.27 -5.14
N VAL B 203 19.79 -21.31 -5.46
CA VAL B 203 18.79 -21.23 -4.39
C VAL B 203 18.82 -22.48 -3.51
N VAL B 204 18.84 -23.66 -4.13
CA VAL B 204 18.65 -24.92 -3.42
C VAL B 204 19.83 -25.24 -2.51
N GLU B 205 21.04 -24.82 -2.88
CA GLU B 205 22.22 -25.19 -2.10
C GLU B 205 22.19 -24.60 -0.69
N THR B 206 21.33 -23.63 -0.41
CA THR B 206 21.20 -23.07 0.92
C THR B 206 20.14 -23.75 1.76
N VAL B 207 19.40 -24.70 1.21
CA VAL B 207 18.31 -25.34 1.93
C VAL B 207 18.89 -26.42 2.85
N PRO B 208 18.50 -26.45 4.11
CA PRO B 208 18.94 -27.55 4.99
C PRO B 208 18.46 -28.89 4.47
N CYS B 209 19.40 -29.82 4.31
CA CYS B 209 19.14 -31.09 3.66
C CYS B 209 18.84 -32.21 4.67
N GLY B 210 18.64 -31.86 5.92
CA GLY B 210 18.47 -32.84 6.97
C GLY B 210 19.79 -33.18 7.65
N SER B 211 19.67 -33.66 8.89
CA SER B 211 20.87 -34.01 9.65
C SER B 211 21.52 -35.24 9.04
N SER B 212 22.82 -35.12 8.74
CA SER B 212 23.55 -36.23 8.17
C SER B 212 23.80 -37.30 9.23
N PRO B 213 24.14 -38.51 8.82
CA PRO B 213 24.40 -39.58 9.80
C PRO B 213 25.49 -39.19 10.79
N GLY B 214 25.11 -39.02 12.06
CA GLY B 214 26.04 -38.58 13.07
C GLY B 214 26.29 -37.08 13.10
N HIS B 215 25.67 -36.31 12.21
CA HIS B 215 25.90 -34.88 12.17
C HIS B 215 25.23 -34.19 13.35
N ILE B 216 25.87 -33.12 13.83
CA ILE B 216 25.32 -32.38 14.97
C ILE B 216 24.05 -31.65 14.56
N LYS B 217 24.06 -30.97 13.42
CA LYS B 217 22.92 -30.20 12.95
C LYS B 217 22.69 -30.49 11.47
N GLU B 218 21.52 -30.08 10.98
CA GLU B 218 21.23 -30.23 9.57
C GLU B 218 22.21 -29.42 8.74
N LEU B 219 22.62 -29.98 7.63
CA LEU B 219 23.61 -29.38 6.76
C LEU B 219 22.93 -28.84 5.51
N PRO B 220 23.34 -27.67 5.02
CA PRO B 220 22.79 -27.19 3.76
C PRO B 220 23.17 -28.11 2.61
N CYS B 221 22.26 -28.21 1.63
CA CYS B 221 22.50 -29.09 0.49
C CYS B 221 23.84 -28.82 -0.17
N GLY B 222 24.22 -27.54 -0.26
CA GLY B 222 25.48 -27.17 -0.88
C GLY B 222 26.69 -27.59 -0.09
N GLU B 223 26.55 -27.81 1.21
CA GLU B 223 27.64 -28.32 2.03
C GLU B 223 27.65 -29.83 2.10
N ARG B 224 26.47 -30.45 2.13
CA ARG B 224 26.40 -31.90 2.15
C ARG B 224 26.84 -32.51 0.83
N TYR B 225 26.59 -31.82 -0.28
CA TYR B 225 26.89 -32.29 -1.62
C TYR B 225 27.76 -31.27 -2.36
N ALA B 226 28.85 -30.86 -1.71
CA ALA B 226 29.69 -29.80 -2.27
C ALA B 226 30.24 -30.19 -3.64
N VAL B 227 30.59 -31.47 -3.82
CA VAL B 227 31.14 -31.91 -5.10
C VAL B 227 30.07 -31.82 -6.19
N ALA B 228 28.86 -32.30 -5.90
CA ALA B 228 27.80 -32.27 -6.90
C ALA B 228 27.45 -30.85 -7.31
N PHE B 229 27.32 -29.95 -6.32
CA PHE B 229 26.98 -28.57 -6.64
C PHE B 229 28.11 -27.88 -7.36
N PHE B 230 29.36 -28.20 -7.01
CA PHE B 230 30.50 -27.63 -7.72
C PHE B 230 30.52 -28.10 -9.17
N CYS B 231 30.19 -29.38 -9.42
CA CYS B 231 30.16 -29.88 -10.78
C CYS B 231 29.05 -29.21 -11.59
N LEU B 232 27.87 -29.05 -10.99
CA LEU B 232 26.80 -28.36 -11.68
C LEU B 232 27.16 -26.91 -11.99
N ASP B 233 27.78 -26.23 -11.03
CA ASP B 233 28.22 -24.86 -11.24
C ASP B 233 29.27 -24.79 -12.34
N THR B 234 30.20 -25.74 -12.34
CA THR B 234 31.25 -25.76 -13.36
C THR B 234 30.66 -25.97 -14.75
N ALA B 235 29.69 -26.88 -14.88
CA ALA B 235 29.06 -27.10 -16.17
C ALA B 235 28.35 -25.84 -16.65
N CYS B 236 27.57 -25.22 -15.78
CA CYS B 236 26.85 -24.00 -16.16
C CYS B 236 27.83 -22.89 -16.54
N VAL B 237 28.90 -22.72 -15.77
CA VAL B 237 29.84 -21.64 -16.04
C VAL B 237 30.61 -21.91 -17.34
N MET B 238 30.95 -23.18 -17.61
CA MET B 238 31.62 -23.49 -18.86
C MET B 238 30.72 -23.20 -20.06
N ILE B 239 29.43 -23.54 -19.95
CA ILE B 239 28.51 -23.22 -21.02
C ILE B 239 28.42 -21.72 -21.23
N PHE B 240 28.31 -20.95 -20.13
CA PHE B 240 28.22 -19.50 -20.25
C PHE B 240 29.50 -18.92 -20.84
N THR B 241 30.65 -19.47 -20.48
CA THR B 241 31.91 -18.95 -20.98
C THR B 241 32.09 -19.25 -22.46
N VAL B 242 31.74 -20.46 -22.89
CA VAL B 242 31.82 -20.78 -24.31
C VAL B 242 30.85 -19.93 -25.11
N GLU B 243 29.65 -19.71 -24.57
CA GLU B 243 28.70 -18.80 -25.20
C GLU B 243 29.29 -17.40 -25.36
N TYR B 244 29.86 -16.85 -24.27
CA TYR B 244 30.39 -15.50 -24.33
C TYR B 244 31.57 -15.40 -25.28
N LEU B 245 32.44 -16.41 -25.29
CA LEU B 245 33.59 -16.39 -26.18
C LEU B 245 33.16 -16.49 -27.63
N LEU B 246 32.13 -17.29 -27.92
CA LEU B 246 31.61 -17.35 -29.27
C LEU B 246 30.99 -16.02 -29.70
N ARG B 247 30.25 -15.37 -28.79
CA ARG B 247 29.68 -14.06 -29.10
C ARG B 247 30.78 -13.04 -29.36
N LEU B 248 31.85 -13.07 -28.56
CA LEU B 248 32.96 -12.17 -28.77
C LEU B 248 33.66 -12.45 -30.10
N ALA B 249 33.79 -13.73 -30.46
CA ALA B 249 34.44 -14.08 -31.71
C ALA B 249 33.64 -13.63 -32.91
N ALA B 250 32.32 -13.75 -32.85
CA ALA B 250 31.46 -13.44 -33.98
C ALA B 250 30.97 -12.00 -33.98
N ALA B 251 31.41 -11.17 -33.04
CA ALA B 251 30.97 -9.80 -32.99
C ALA B 251 31.58 -9.00 -34.14
N PRO B 252 30.81 -8.18 -34.85
CA PRO B 252 31.41 -7.32 -35.88
C PRO B 252 32.39 -6.31 -35.29
N SER B 253 31.93 -5.50 -34.36
CA SER B 253 32.78 -4.56 -33.62
C SER B 253 32.94 -5.11 -32.21
N ARG B 254 34.07 -5.80 -31.98
CA ARG B 254 34.24 -6.54 -30.74
C ARG B 254 34.20 -5.60 -29.54
N TYR B 255 34.85 -4.45 -29.63
CA TYR B 255 34.85 -3.52 -28.50
C TYR B 255 33.44 -3.01 -28.22
N ARG B 256 32.64 -2.79 -29.26
CA ARG B 256 31.26 -2.35 -29.06
C ARG B 256 30.44 -3.44 -28.37
N PHE B 257 30.70 -4.70 -28.71
CA PHE B 257 30.06 -5.80 -28.00
C PHE B 257 30.46 -5.80 -26.54
N VAL B 258 31.76 -5.69 -26.27
CA VAL B 258 32.27 -5.84 -24.90
C VAL B 258 31.67 -4.79 -23.98
N ARG B 259 31.46 -3.59 -24.49
CA ARG B 259 30.91 -2.51 -23.66
C ARG B 259 29.39 -2.52 -23.58
N SER B 260 28.72 -3.41 -24.31
CA SER B 260 27.27 -3.49 -24.26
C SER B 260 26.79 -4.07 -22.93
N VAL B 261 25.53 -3.81 -22.62
CA VAL B 261 24.98 -4.20 -21.33
C VAL B 261 24.91 -5.71 -21.18
N MET B 262 24.54 -6.41 -22.26
CA MET B 262 24.49 -7.87 -22.21
C MET B 262 25.86 -8.46 -21.92
N SER B 263 26.91 -7.88 -22.50
CA SER B 263 28.26 -8.37 -22.24
C SER B 263 28.66 -8.16 -20.79
N ILE B 264 28.30 -7.00 -20.21
CA ILE B 264 28.58 -6.78 -18.80
C ILE B 264 27.83 -7.78 -17.93
N ILE B 265 26.59 -8.09 -18.30
CA ILE B 265 25.82 -9.10 -17.56
C ILE B 265 26.51 -10.45 -17.63
N ASP B 266 26.95 -10.85 -18.83
CA ASP B 266 27.59 -12.15 -18.99
C ASP B 266 28.89 -12.22 -18.22
N VAL B 267 29.68 -11.15 -18.23
CA VAL B 267 30.94 -11.13 -17.50
C VAL B 267 30.70 -11.18 -16.00
N VAL B 268 29.71 -10.44 -15.52
CA VAL B 268 29.37 -10.49 -14.09
C VAL B 268 28.87 -11.88 -13.72
N ALA B 269 28.22 -12.57 -14.67
CA ALA B 269 27.75 -13.92 -14.39
C ALA B 269 28.89 -14.90 -14.29
N ILE B 270 29.91 -14.77 -15.12
CA ILE B 270 30.97 -15.79 -15.14
C ILE B 270 32.12 -15.49 -14.19
N LEU B 271 32.40 -14.22 -13.88
CA LEU B 271 33.60 -13.90 -13.11
C LEU B 271 33.65 -14.53 -11.72
N PRO B 272 32.60 -14.51 -10.90
CA PRO B 272 32.73 -15.04 -9.54
C PRO B 272 33.23 -16.47 -9.49
N TYR B 273 32.88 -17.31 -10.47
CA TYR B 273 33.40 -18.67 -10.47
C TYR B 273 34.93 -18.68 -10.54
N TYR B 274 35.48 -17.91 -11.47
CA TYR B 274 36.94 -17.90 -11.64
C TYR B 274 37.63 -17.24 -10.46
N ILE B 275 37.06 -16.16 -9.94
CA ILE B 275 37.62 -15.53 -8.75
C ILE B 275 37.62 -16.51 -7.58
N GLY B 276 36.54 -17.25 -7.40
CA GLY B 276 36.50 -18.24 -6.34
C GLY B 276 37.50 -19.36 -6.55
N LEU B 277 37.78 -19.71 -7.80
CA LEU B 277 38.88 -20.65 -8.05
C LEU B 277 40.22 -20.07 -7.62
N VAL B 278 40.46 -18.80 -7.96
CA VAL B 278 41.72 -18.16 -7.59
C VAL B 278 41.83 -18.01 -6.08
N MET B 279 40.72 -17.77 -5.40
CA MET B 279 40.69 -17.57 -3.96
C MET B 279 40.14 -18.78 -3.22
N THR B 280 40.50 -19.99 -3.67
CA THR B 280 39.99 -21.19 -3.02
C THR B 280 40.48 -21.32 -1.58
N ASP B 281 41.64 -20.74 -1.28
CA ASP B 281 42.12 -20.72 0.10
C ASP B 281 41.24 -19.85 0.98
N ASN B 282 40.66 -18.79 0.41
CA ASN B 282 39.80 -17.87 1.14
C ASN B 282 38.34 -18.24 1.06
N GLU B 283 38.01 -19.42 0.53
CA GLU B 283 36.61 -19.83 0.43
C GLU B 283 35.96 -19.94 1.81
N ASP B 284 36.70 -20.50 2.78
CA ASP B 284 36.19 -20.53 4.14
C ASP B 284 36.04 -19.14 4.72
N VAL B 285 36.95 -18.24 4.38
CA VAL B 285 36.91 -16.88 4.90
C VAL B 285 35.69 -16.15 4.36
N SER B 286 34.94 -15.51 5.25
CA SER B 286 33.71 -14.83 4.89
C SER B 286 34.05 -13.52 4.18
N GLY B 287 33.04 -12.69 3.95
CA GLY B 287 33.24 -11.41 3.28
C GLY B 287 33.33 -11.55 1.78
N ALA B 288 34.44 -12.12 1.31
CA ALA B 288 34.60 -12.35 -0.13
C ALA B 288 33.76 -13.53 -0.59
N PHE B 289 33.70 -14.59 0.21
CA PHE B 289 32.88 -15.75 -0.13
C PHE B 289 31.42 -15.36 -0.26
N VAL B 290 30.91 -14.60 0.70
CA VAL B 290 29.52 -14.19 0.67
C VAL B 290 29.27 -13.26 -0.50
N THR B 291 30.24 -12.40 -0.83
CA THR B 291 30.08 -11.52 -1.97
C THR B 291 29.99 -12.30 -3.29
N LEU B 292 30.85 -13.31 -3.45
CA LEU B 292 30.77 -14.14 -4.66
C LEU B 292 29.45 -14.89 -4.71
N ARG B 293 29.00 -15.43 -3.57
CA ARG B 293 27.72 -16.10 -3.52
C ARG B 293 26.59 -15.16 -3.94
N VAL B 294 26.62 -13.92 -3.49
CA VAL B 294 25.59 -12.96 -3.85
C VAL B 294 25.67 -12.61 -5.33
N PHE B 295 26.88 -12.44 -5.85
CA PHE B 295 27.04 -12.07 -7.25
C PHE B 295 26.64 -13.19 -8.19
N ARG B 296 26.59 -14.43 -7.71
CA ARG B 296 26.09 -15.51 -8.54
C ARG B 296 24.62 -15.35 -8.93
N VAL B 297 23.84 -14.56 -8.18
CA VAL B 297 22.42 -14.43 -8.49
C VAL B 297 22.18 -13.54 -9.70
N PHE B 298 23.18 -12.81 -10.17
CA PHE B 298 23.00 -11.96 -11.34
C PHE B 298 23.03 -12.75 -12.65
N ARG B 299 23.27 -14.06 -12.60
CA ARG B 299 23.07 -14.89 -13.78
C ARG B 299 21.61 -14.89 -14.23
N ILE B 300 20.68 -14.55 -13.34
CA ILE B 300 19.29 -14.47 -13.72
C ILE B 300 19.04 -13.34 -14.70
N PHE B 301 19.94 -12.37 -14.77
CA PHE B 301 19.81 -11.28 -15.74
C PHE B 301 20.19 -11.72 -17.15
N LYS B 302 20.76 -12.91 -17.31
CA LYS B 302 20.97 -13.46 -18.64
C LYS B 302 19.67 -13.88 -19.31
N PHE B 303 18.56 -13.92 -18.55
CA PHE B 303 17.26 -14.14 -19.14
C PHE B 303 16.76 -12.95 -19.94
N SER B 304 17.43 -11.80 -19.83
CA SER B 304 17.06 -10.65 -20.64
C SER B 304 17.23 -10.95 -22.11
N ARG B 305 18.11 -11.88 -22.45
CA ARG B 305 18.25 -12.32 -23.84
C ARG B 305 17.10 -13.21 -24.27
N HIS B 306 16.33 -13.75 -23.33
CA HIS B 306 15.19 -14.59 -23.66
C HIS B 306 13.86 -13.90 -23.43
N SER B 307 13.81 -12.81 -22.67
CA SER B 307 12.57 -12.15 -22.33
C SER B 307 12.55 -10.78 -22.98
N GLN B 308 11.54 -10.55 -23.83
CA GLN B 308 11.37 -9.23 -24.44
C GLN B 308 10.87 -8.22 -23.43
N GLY B 309 10.02 -8.65 -22.49
CA GLY B 309 9.56 -7.76 -21.45
C GLY B 309 10.69 -7.25 -20.57
N LEU B 310 11.69 -8.10 -20.31
CA LEU B 310 12.83 -7.66 -19.52
C LEU B 310 13.64 -6.60 -20.23
N ARG B 311 13.87 -6.77 -21.54
CA ARG B 311 14.55 -5.75 -22.31
C ARG B 311 13.75 -4.46 -22.36
N ILE B 312 12.43 -4.56 -22.50
CA ILE B 312 11.58 -3.37 -22.52
C ILE B 312 11.65 -2.67 -21.17
N LEU B 313 11.70 -3.42 -20.08
CA LEU B 313 11.85 -2.82 -18.76
C LEU B 313 13.17 -2.09 -18.64
N GLY B 314 14.25 -2.68 -19.17
CA GLY B 314 15.51 -1.97 -19.20
C GLY B 314 15.44 -0.68 -20.00
N TYR B 315 14.78 -0.73 -21.17
CA TYR B 315 14.65 0.46 -21.99
C TYR B 315 13.85 1.55 -21.30
N THR B 316 12.79 1.17 -20.60
CA THR B 316 11.99 2.19 -19.93
C THR B 316 12.69 2.75 -18.69
N LEU B 317 13.47 1.93 -17.98
CA LEU B 317 14.25 2.47 -16.88
C LEU B 317 15.30 3.45 -17.39
N LYS B 318 15.93 3.14 -18.53
CA LYS B 318 16.86 4.08 -19.13
C LYS B 318 16.14 5.33 -19.62
N SER B 319 14.93 5.17 -20.14
CA SER B 319 14.16 6.28 -20.64
C SER B 319 13.71 7.22 -19.51
N CYS B 320 13.41 6.67 -18.35
CA CYS B 320 12.94 7.44 -17.20
C CYS B 320 14.06 7.77 -16.21
N ALA B 321 15.28 7.96 -16.72
CA ALA B 321 16.43 8.13 -15.83
C ALA B 321 16.32 9.38 -14.98
N SER B 322 15.84 10.49 -15.56
CA SER B 322 15.74 11.73 -14.80
C SER B 322 14.68 11.62 -13.70
N GLU B 323 13.56 10.95 -14.00
CA GLU B 323 12.51 10.80 -13.00
C GLU B 323 12.94 9.86 -11.89
N LEU B 324 13.70 8.82 -12.22
CA LEU B 324 14.25 7.95 -11.18
C LEU B 324 15.29 8.68 -10.34
N GLY B 325 16.09 9.53 -10.98
CA GLY B 325 17.04 10.33 -10.22
C GLY B 325 16.35 11.28 -9.25
N PHE B 326 15.27 11.93 -9.71
CA PHE B 326 14.53 12.79 -8.80
C PHE B 326 13.82 11.98 -7.73
N LEU B 327 13.37 10.76 -8.05
CA LEU B 327 12.81 9.91 -7.02
C LEU B 327 13.83 9.63 -5.93
N LEU B 328 15.04 9.26 -6.33
CA LEU B 328 16.09 9.01 -5.35
C LEU B 328 16.40 10.25 -4.52
N PHE B 329 16.50 11.41 -5.17
CA PHE B 329 16.86 12.63 -4.47
C PHE B 329 15.77 13.07 -3.50
N SER B 330 14.51 13.10 -3.95
CA SER B 330 13.43 13.56 -3.08
C SER B 330 13.14 12.55 -1.99
N LEU B 331 13.31 11.26 -2.28
CA LEU B 331 13.20 10.24 -1.25
C LEU B 331 14.26 10.41 -0.18
N THR B 332 15.51 10.69 -0.60
CA THR B 332 16.57 10.95 0.37
C THR B 332 16.26 12.17 1.22
N MET B 333 15.77 13.24 0.58
CA MET B 333 15.42 14.46 1.31
C MET B 333 14.35 14.18 2.35
N ALA B 334 13.28 13.52 1.94
CA ALA B 334 12.18 13.24 2.85
C ALA B 334 12.61 12.31 3.97
N ILE B 335 13.43 11.32 3.66
CA ILE B 335 13.93 10.40 4.68
C ILE B 335 14.73 11.16 5.73
N ILE B 336 15.62 12.05 5.28
CA ILE B 336 16.44 12.80 6.21
C ILE B 336 15.58 13.70 7.09
N ILE B 337 14.64 14.42 6.49
CA ILE B 337 13.79 15.34 7.24
C ILE B 337 12.99 14.58 8.29
N PHE B 338 12.28 13.53 7.86
CA PHE B 338 11.40 12.84 8.77
C PHE B 338 12.17 12.05 9.81
N ALA B 339 13.34 11.50 9.46
CA ALA B 339 14.14 10.81 10.45
C ALA B 339 14.68 11.77 11.50
N THR B 340 15.07 12.98 11.09
CA THR B 340 15.47 13.99 12.07
C THR B 340 14.34 14.28 13.05
N VAL B 341 13.16 14.55 12.50
CA VAL B 341 12.02 14.91 13.36
C VAL B 341 11.64 13.73 14.26
N MET B 342 11.59 12.53 13.70
CA MET B 342 11.23 11.34 14.46
C MET B 342 12.24 11.05 15.55
N PHE B 343 13.53 11.21 15.25
CA PHE B 343 14.55 10.97 16.27
C PHE B 343 14.41 11.95 17.42
N TYR B 344 14.21 13.23 17.11
CA TYR B 344 14.12 14.18 18.21
C TYR B 344 12.81 14.06 18.97
N ALA B 345 11.74 13.59 18.33
CA ALA B 345 10.50 13.35 19.04
C ALA B 345 10.55 12.09 19.90
N GLU B 346 11.33 11.09 19.51
CA GLU B 346 11.25 9.78 20.12
C GLU B 346 12.48 9.37 20.91
N LYS B 347 13.56 10.16 20.92
CA LYS B 347 14.79 9.71 21.56
C LYS B 347 14.63 9.58 23.07
N GLY B 348 13.74 10.36 23.68
CA GLY B 348 13.57 10.31 25.10
C GLY B 348 12.68 9.20 25.63
N SER B 349 12.05 8.43 24.74
CA SER B 349 11.17 7.37 25.18
C SER B 349 11.95 6.27 25.88
N SER B 350 11.24 5.48 26.69
CA SER B 350 11.87 4.41 27.43
C SER B 350 12.19 3.25 26.51
N ALA B 351 13.44 2.79 26.56
CA ALA B 351 13.93 1.74 25.66
C ALA B 351 13.67 2.10 24.20
N SER B 352 13.98 3.34 23.85
CA SER B 352 13.66 3.85 22.52
C SER B 352 14.54 3.19 21.47
N LYS B 353 13.91 2.70 20.40
CA LYS B 353 14.67 2.23 19.24
C LYS B 353 15.26 3.39 18.44
N PHE B 354 14.76 4.60 18.65
CA PHE B 354 15.22 5.79 17.92
C PHE B 354 16.46 6.32 18.62
N THR B 355 17.57 5.62 18.42
CA THR B 355 18.82 5.91 19.10
C THR B 355 19.71 6.88 18.34
N SER B 356 19.41 7.14 17.08
CA SER B 356 20.10 8.16 16.29
C SER B 356 19.23 8.46 15.08
N ILE B 357 19.58 9.53 14.37
CA ILE B 357 18.89 9.83 13.10
C ILE B 357 19.09 8.73 12.07
N PRO B 358 20.30 8.18 11.87
CA PRO B 358 20.41 7.01 10.99
C PRO B 358 19.59 5.81 11.45
N ALA B 359 19.44 5.61 12.75
CA ALA B 359 18.54 4.55 13.22
C ALA B 359 17.10 4.84 12.81
N ALA B 360 16.69 6.11 12.88
CA ALA B 360 15.37 6.52 12.45
C ALA B 360 15.18 6.48 10.94
N PHE B 361 16.27 6.40 10.16
CA PHE B 361 16.14 6.16 8.73
C PHE B 361 15.29 4.92 8.44
N TRP B 362 15.54 3.86 9.20
CA TRP B 362 14.83 2.59 8.97
C TRP B 362 13.34 2.76 9.22
N TYR B 363 12.97 3.39 10.33
CA TYR B 363 11.56 3.66 10.59
C TYR B 363 10.96 4.50 9.48
N THR B 364 11.69 5.54 9.05
CA THR B 364 11.14 6.46 8.08
C THR B 364 10.90 5.79 6.73
N ILE B 365 11.84 4.97 6.28
CA ILE B 365 11.66 4.29 5.00
C ILE B 365 10.57 3.23 5.10
N VAL B 366 10.44 2.57 6.25
CA VAL B 366 9.37 1.58 6.41
C VAL B 366 8.00 2.28 6.44
N THR B 367 7.92 3.48 7.00
CA THR B 367 6.67 4.21 7.05
C THR B 367 6.30 4.84 5.71
N MET B 368 7.30 5.35 4.98
CA MET B 368 7.03 6.05 3.72
C MET B 368 6.49 5.11 2.65
N THR B 369 6.99 3.87 2.61
CA THR B 369 6.51 2.89 1.65
C THR B 369 5.21 2.22 2.10
N THR B 370 4.73 2.54 3.29
CA THR B 370 3.56 1.91 3.91
C THR B 370 3.78 0.42 4.18
N LEU B 371 5.03 0.00 4.37
CA LEU B 371 5.29 -1.34 4.88
C LEU B 371 4.73 -1.53 6.28
N GLY B 372 5.13 -0.68 7.22
CA GLY B 372 4.67 -0.79 8.58
C GLY B 372 5.02 -2.07 9.31
N TYR B 373 6.29 -2.48 9.28
CA TYR B 373 6.69 -3.70 9.98
C TYR B 373 6.23 -3.69 11.43
N GLY B 374 6.33 -2.55 12.09
CA GLY B 374 6.00 -2.44 13.48
C GLY B 374 7.14 -2.71 14.44
N ASP B 375 8.34 -3.03 13.94
CA ASP B 375 9.47 -3.19 14.84
C ASP B 375 9.89 -1.85 15.45
N MET B 376 9.77 -0.77 14.69
CA MET B 376 9.94 0.58 15.19
C MET B 376 8.60 1.28 15.11
N VAL B 377 8.10 1.76 16.24
CA VAL B 377 6.87 2.56 16.26
C VAL B 377 7.04 3.73 17.21
N PRO B 378 6.52 4.91 16.88
CA PRO B 378 6.58 6.02 17.83
C PRO B 378 5.70 5.78 19.03
N LYS B 379 6.11 6.36 20.15
CA LYS B 379 5.35 6.28 21.40
C LYS B 379 4.86 7.61 21.91
N THR B 380 5.39 8.72 21.41
CA THR B 380 5.00 10.06 21.82
C THR B 380 3.99 10.63 20.84
N ILE B 381 3.26 11.64 21.29
CA ILE B 381 2.24 12.27 20.45
C ILE B 381 2.88 12.90 19.22
N ALA B 382 3.98 13.63 19.43
CA ALA B 382 4.70 14.22 18.30
C ALA B 382 5.18 13.15 17.35
N GLY B 383 5.64 12.02 17.89
CA GLY B 383 6.03 10.91 17.05
C GLY B 383 4.88 10.40 16.20
N LYS B 384 3.70 10.23 16.79
CA LYS B 384 2.55 9.77 16.02
C LYS B 384 2.19 10.75 14.92
N ILE B 385 2.18 12.04 15.23
CA ILE B 385 1.81 13.04 14.24
C ILE B 385 2.78 13.02 13.07
N PHE B 386 4.07 13.03 13.37
CA PHE B 386 5.04 13.10 12.29
C PHE B 386 5.19 11.78 11.56
N GLY B 387 4.89 10.66 12.21
CA GLY B 387 4.82 9.40 11.49
C GLY B 387 3.67 9.36 10.50
N SER B 388 2.51 9.89 10.89
CA SER B 388 1.38 9.96 9.96
C SER B 388 1.72 10.84 8.76
N ILE B 389 2.28 12.02 9.03
CA ILE B 389 2.67 12.91 7.94
C ILE B 389 3.73 12.25 7.07
N CYS B 390 4.65 11.49 7.68
CA CYS B 390 5.67 10.79 6.92
C CYS B 390 5.07 9.76 5.98
N SER B 391 4.08 9.00 6.46
CA SER B 391 3.46 8.00 5.59
C SER B 391 2.80 8.65 4.39
N LEU B 392 2.05 9.74 4.63
CA LEU B 392 1.40 10.41 3.51
C LEU B 392 2.41 11.01 2.53
N SER B 393 3.45 11.66 3.05
CA SER B 393 4.45 12.27 2.19
C SER B 393 5.19 11.22 1.38
N GLY B 394 5.49 10.08 1.99
CA GLY B 394 6.12 9.00 1.26
C GLY B 394 5.24 8.48 0.15
N VAL B 395 3.94 8.36 0.41
CA VAL B 395 3.01 7.97 -0.65
C VAL B 395 3.12 8.93 -1.83
N LEU B 396 3.10 10.23 -1.55
CA LEU B 396 3.19 11.22 -2.63
C LEU B 396 4.51 11.10 -3.40
N VAL B 397 5.62 11.05 -2.67
CA VAL B 397 6.94 11.03 -3.29
C VAL B 397 7.10 9.81 -4.17
N ILE B 398 6.67 8.64 -3.67
CA ILE B 398 6.80 7.42 -4.46
C ILE B 398 5.83 7.41 -5.63
N ALA B 399 4.66 8.02 -5.48
CA ALA B 399 3.70 8.04 -6.57
C ALA B 399 4.11 8.98 -7.70
N LEU B 400 5.01 9.93 -7.43
CA LEU B 400 5.39 10.88 -8.50
C LEU B 400 5.91 10.21 -9.77
N PRO B 401 6.84 9.26 -9.75
CA PRO B 401 7.37 8.71 -11.02
C PRO B 401 6.67 7.46 -11.54
N VAL B 402 5.78 6.86 -10.76
CA VAL B 402 5.14 5.61 -11.18
C VAL B 402 4.34 5.77 -12.48
N PRO B 403 3.49 6.78 -12.63
CA PRO B 403 2.78 6.92 -13.92
C PRO B 403 3.71 7.08 -15.09
N VAL B 404 4.82 7.80 -14.91
CA VAL B 404 5.77 7.97 -16.00
C VAL B 404 6.37 6.63 -16.40
N ILE B 405 6.78 5.84 -15.40
CA ILE B 405 7.40 4.55 -15.72
C ILE B 405 6.40 3.63 -16.39
N VAL B 406 5.17 3.56 -15.88
CA VAL B 406 4.16 2.70 -16.47
C VAL B 406 3.84 3.14 -17.90
N SER B 407 3.69 4.45 -18.10
CA SER B 407 3.39 4.98 -19.43
C SER B 407 4.50 4.68 -20.41
N ASN B 408 5.76 4.85 -20.00
CA ASN B 408 6.86 4.57 -20.92
C ASN B 408 6.98 3.09 -21.21
N PHE B 409 6.71 2.24 -20.22
CA PHE B 409 6.72 0.81 -20.48
C PHE B 409 5.68 0.44 -21.53
N SER B 410 4.46 0.95 -21.36
CA SER B 410 3.41 0.67 -22.34
C SER B 410 3.75 1.25 -23.70
N ARG B 411 4.35 2.45 -23.73
CA ARG B 411 4.72 3.07 -25.01
C ARG B 411 5.76 2.24 -25.74
N ILE B 412 6.79 1.77 -25.03
CA ILE B 412 7.84 0.98 -25.67
C ILE B 412 7.28 -0.37 -26.13
N TYR B 413 6.41 -0.98 -25.33
CA TYR B 413 5.78 -2.22 -25.76
C TYR B 413 4.94 -2.01 -27.02
N HIS B 414 4.18 -0.92 -27.06
CA HIS B 414 3.33 -0.67 -28.21
C HIS B 414 4.15 -0.33 -29.45
N GLN B 415 5.27 0.37 -29.29
CA GLN B 415 6.16 0.61 -30.42
C GLN B 415 6.75 -0.69 -30.92
N ASN B 416 7.14 -1.58 -30.01
CA ASN B 416 7.65 -2.88 -30.42
C ASN B 416 6.60 -3.66 -31.22
N GLN B 417 5.35 -3.63 -30.77
CA GLN B 417 4.32 -4.39 -31.47
C GLN B 417 3.87 -3.72 -32.76
N ARG B 418 3.99 -2.38 -32.87
CA ARG B 418 3.87 -1.71 -34.19
C ARG B 418 4.97 -2.16 -35.15
N ALA B 419 6.21 -2.21 -34.68
CA ALA B 419 7.29 -2.67 -35.55
C ALA B 419 7.08 -4.12 -35.96
N ASP B 420 6.64 -4.97 -35.03
CA ASP B 420 6.44 -6.38 -35.32
C ASP B 420 5.34 -6.58 -36.36
N LYS B 421 4.23 -5.83 -36.23
CA LYS B 421 3.15 -5.97 -37.20
C LYS B 421 3.50 -5.29 -38.53
N ARG B 422 4.38 -4.29 -38.52
CA ARG B 422 4.80 -3.68 -39.76
C ARG B 422 5.68 -4.63 -40.57
N ARG B 423 6.69 -5.23 -39.92
CA ARG B 423 7.59 -6.12 -40.62
C ARG B 423 7.03 -7.52 -40.82
N ALA B 424 5.87 -7.82 -40.25
CA ALA B 424 5.26 -9.13 -40.43
C ALA B 424 3.73 -9.01 -40.48
N THR C 166 25.42 49.91 -12.02
CA THR C 166 24.83 48.76 -12.69
C THR C 166 25.40 47.46 -12.15
N ALA C 167 26.27 47.56 -11.14
CA ALA C 167 26.84 46.37 -10.56
C ALA C 167 25.80 45.55 -9.80
N ARG C 168 24.79 46.22 -9.22
CA ARG C 168 23.76 45.52 -8.49
C ARG C 168 23.00 44.56 -9.38
N GLN C 169 22.59 45.02 -10.57
CA GLN C 169 21.87 44.13 -11.48
C GLN C 169 22.78 43.03 -12.01
N ARG C 170 24.07 43.31 -12.13
CA ARG C 170 25.01 42.27 -12.56
C ARG C 170 25.10 41.16 -11.52
N VAL C 171 25.25 41.53 -10.25
CA VAL C 171 25.30 40.54 -9.18
C VAL C 171 23.98 39.78 -9.11
N TRP C 172 22.86 40.47 -9.26
CA TRP C 172 21.57 39.79 -9.23
C TRP C 172 21.45 38.79 -10.38
N ARG C 173 21.88 39.18 -11.58
CA ARG C 173 21.82 38.27 -12.72
C ARG C 173 22.70 37.05 -12.47
N ALA C 174 23.88 37.26 -11.87
CA ALA C 174 24.73 36.14 -11.52
C ALA C 174 24.03 35.21 -10.53
N PHE C 175 23.36 35.77 -9.53
CA PHE C 175 22.73 34.96 -8.50
C PHE C 175 21.54 34.19 -9.08
N GLU C 176 20.74 34.83 -9.93
CA GLU C 176 19.56 34.20 -10.49
C GLU C 176 19.92 33.17 -11.55
N ASN C 177 20.94 33.45 -12.35
CA ASN C 177 21.41 32.53 -13.39
C ASN C 177 22.84 32.15 -13.04
N PRO C 178 23.03 31.08 -12.26
CA PRO C 178 24.40 30.68 -11.91
C PRO C 178 25.25 30.30 -13.10
N HIS C 179 24.66 29.72 -14.15
CA HIS C 179 25.42 29.18 -15.25
C HIS C 179 25.85 30.23 -16.27
N THR C 180 25.43 31.48 -16.10
CA THR C 180 25.84 32.51 -17.05
C THR C 180 27.29 32.93 -16.82
N SER C 181 27.70 33.09 -15.57
CA SER C 181 29.01 33.60 -15.21
C SER C 181 29.82 32.52 -14.52
N THR C 182 31.14 32.67 -14.57
CA THR C 182 32.02 31.76 -13.84
C THR C 182 31.90 31.98 -12.34
N MET C 183 31.93 33.25 -11.90
CA MET C 183 31.81 33.54 -10.48
C MET C 183 30.47 33.08 -9.93
N ALA C 184 29.40 33.28 -10.70
CA ALA C 184 28.09 32.79 -10.29
C ALA C 184 28.10 31.28 -10.14
N LEU C 185 28.75 30.57 -11.06
CA LEU C 185 28.75 29.11 -11.00
C LEU C 185 29.56 28.59 -9.83
N VAL C 186 30.71 29.22 -9.54
CA VAL C 186 31.49 28.78 -8.39
C VAL C 186 30.74 29.08 -7.10
N PHE C 187 30.05 30.21 -7.02
CA PHE C 187 29.25 30.51 -5.85
C PHE C 187 28.15 29.47 -5.68
N TYR C 188 27.51 29.10 -6.79
CA TYR C 188 26.46 28.08 -6.80
C TYR C 188 26.99 26.77 -6.23
N TYR C 189 28.11 26.30 -6.75
CA TYR C 189 28.64 24.99 -6.34
C TYR C 189 29.15 25.02 -4.90
N VAL C 190 29.77 26.13 -4.49
CA VAL C 190 30.25 26.25 -3.11
C VAL C 190 29.08 26.17 -2.14
N THR C 191 28.02 26.93 -2.42
CA THR C 191 26.86 26.91 -1.53
C THR C 191 26.20 25.54 -1.50
N GLY C 192 26.09 24.88 -2.67
CA GLY C 192 25.50 23.56 -2.67
C GLY C 192 26.31 22.56 -1.88
N PHE C 193 27.64 22.63 -2.01
CA PHE C 193 28.51 21.74 -1.26
C PHE C 193 28.35 21.95 0.23
N PHE C 194 28.25 23.20 0.67
CA PHE C 194 28.15 23.42 2.11
C PHE C 194 26.76 23.13 2.63
N ILE C 195 25.73 23.20 1.80
CA ILE C 195 24.43 22.70 2.21
C ILE C 195 24.51 21.21 2.48
N ALA C 196 25.12 20.46 1.55
CA ALA C 196 25.25 19.02 1.75
C ALA C 196 26.09 18.71 2.99
N VAL C 197 27.16 19.47 3.19
CA VAL C 197 28.02 19.27 4.36
C VAL C 197 27.25 19.50 5.65
N SER C 198 26.48 20.59 5.72
CA SER C 198 25.71 20.88 6.92
C SER C 198 24.68 19.79 7.20
N VAL C 199 23.99 19.32 6.16
CA VAL C 199 22.97 18.30 6.35
C VAL C 199 23.61 17.00 6.87
N ILE C 200 24.72 16.60 6.27
CA ILE C 200 25.40 15.37 6.68
C ILE C 200 25.91 15.51 8.11
N ALA C 201 26.48 16.66 8.46
CA ALA C 201 26.99 16.85 9.82
C ALA C 201 25.87 16.80 10.84
N ASN C 202 24.72 17.40 10.53
CA ASN C 202 23.59 17.37 11.44
C ASN C 202 23.09 15.95 11.65
N VAL C 203 23.12 15.12 10.60
CA VAL C 203 22.77 13.72 10.80
C VAL C 203 23.83 12.99 11.63
N VAL C 204 25.10 13.18 11.31
CA VAL C 204 26.19 12.40 11.88
C VAL C 204 26.39 12.71 13.36
N GLU C 205 26.13 13.95 13.78
CA GLU C 205 26.40 14.33 15.16
C GLU C 205 25.56 13.55 16.17
N THR C 206 24.50 12.88 15.73
CA THR C 206 23.68 12.07 16.61
C THR C 206 24.12 10.62 16.68
N VAL C 207 25.11 10.22 15.90
CA VAL C 207 25.54 8.82 15.84
C VAL C 207 26.45 8.54 17.04
N PRO C 208 26.21 7.46 17.79
CA PRO C 208 27.14 7.09 18.86
C PRO C 208 28.53 6.81 18.30
N CYS C 209 29.52 7.48 18.87
CA CYS C 209 30.88 7.45 18.36
C CYS C 209 31.76 6.43 19.08
N GLY C 210 31.16 5.57 19.88
CA GLY C 210 31.91 4.64 20.70
C GLY C 210 32.19 5.19 22.08
N SER C 211 32.41 4.28 23.03
CA SER C 211 32.68 4.69 24.40
C SER C 211 34.04 5.36 24.48
N SER C 212 34.06 6.57 25.05
CA SER C 212 35.30 7.30 25.19
C SER C 212 36.15 6.67 26.28
N PRO C 213 37.45 6.98 26.32
CA PRO C 213 38.31 6.40 27.37
C PRO C 213 37.81 6.73 28.76
N GLY C 214 37.37 5.69 29.49
CA GLY C 214 36.79 5.87 30.80
C GLY C 214 35.35 6.30 30.80
N HIS C 215 34.72 6.49 29.64
CA HIS C 215 33.34 6.93 29.60
C HIS C 215 32.40 5.80 30.00
N ILE C 216 31.29 6.19 30.65
CA ILE C 216 30.32 5.20 31.10
C ILE C 216 29.60 4.57 29.90
N LYS C 217 29.16 5.40 28.95
CA LYS C 217 28.43 4.92 27.80
C LYS C 217 28.99 5.60 26.55
N GLU C 218 28.61 5.05 25.38
CA GLU C 218 29.01 5.65 24.13
C GLU C 218 28.44 7.05 24.01
N LEU C 219 29.24 7.96 23.48
CA LEU C 219 28.87 9.34 23.35
C LEU C 219 28.55 9.66 21.91
N PRO C 220 27.52 10.48 21.65
CA PRO C 220 27.26 10.89 20.27
C PRO C 220 28.41 11.72 19.73
N CYS C 221 28.64 11.60 18.41
CA CYS C 221 29.74 12.33 17.78
C CYS C 221 29.68 13.81 18.07
N GLY C 222 28.47 14.38 18.10
CA GLY C 222 28.30 15.79 18.37
C GLY C 222 28.64 16.19 19.79
N GLU C 223 28.59 15.26 20.72
CA GLU C 223 28.99 15.52 22.10
C GLU C 223 30.46 15.23 22.33
N ARG C 224 30.99 14.20 21.69
CA ARG C 224 32.41 13.89 21.83
C ARG C 224 33.28 14.92 21.15
N TYR C 225 32.81 15.52 20.06
CA TYR C 225 33.54 16.50 19.27
C TYR C 225 32.75 17.77 19.13
N ALA C 226 32.27 18.30 20.26
CA ALA C 226 31.40 19.47 20.23
C ALA C 226 32.09 20.66 19.57
N VAL C 227 33.39 20.83 19.79
CA VAL C 227 34.11 21.96 19.19
C VAL C 227 34.17 21.80 17.68
N ALA C 228 34.51 20.60 17.20
CA ALA C 228 34.61 20.39 15.76
C ALA C 228 33.27 20.60 15.07
N PHE C 229 32.20 20.06 15.64
CA PHE C 229 30.89 20.21 15.02
C PHE C 229 30.41 21.65 15.09
N PHE C 230 30.73 22.35 16.18
CA PHE C 230 30.39 23.76 16.28
C PHE C 230 31.13 24.58 15.22
N CYS C 231 32.41 24.26 14.98
CA CYS C 231 33.17 24.97 13.96
C CYS C 231 32.60 24.71 12.58
N LEU C 232 32.25 23.47 12.27
CA LEU C 232 31.65 23.16 10.99
C LEU C 232 30.31 23.88 10.82
N ASP C 233 29.49 23.88 11.87
CA ASP C 233 28.22 24.59 11.82
C ASP C 233 28.43 26.08 11.62
N THR C 234 29.42 26.66 12.31
CA THR C 234 29.70 28.07 12.18
C THR C 234 30.14 28.42 10.76
N ALA C 235 30.99 27.60 10.16
CA ALA C 235 31.42 27.85 8.79
C ALA C 235 30.24 27.80 7.84
N CYS C 236 29.41 26.77 7.95
CA CYS C 236 28.25 26.65 7.07
C CYS C 236 27.30 27.83 7.26
N VAL C 237 27.05 28.22 8.50
CA VAL C 237 26.10 29.30 8.76
C VAL C 237 26.66 30.63 8.28
N MET C 238 27.98 30.84 8.42
CA MET C 238 28.56 32.07 7.91
C MET C 238 28.47 32.14 6.39
N ILE C 239 28.69 31.02 5.71
CA ILE C 239 28.54 31.00 4.26
C ILE C 239 27.09 31.31 3.88
N PHE C 240 26.13 30.69 4.57
CA PHE C 240 24.73 30.94 4.26
C PHE C 240 24.34 32.39 4.53
N THR C 241 24.89 32.98 5.60
CA THR C 241 24.55 34.35 5.93
C THR C 241 25.14 35.33 4.94
N VAL C 242 26.39 35.12 4.52
CA VAL C 242 26.99 35.99 3.51
C VAL C 242 26.24 35.86 2.19
N GLU C 243 25.84 34.63 1.84
CA GLU C 243 25.02 34.44 0.65
C GLU C 243 23.72 35.22 0.73
N TYR C 244 23.01 35.10 1.86
CA TYR C 244 21.73 35.77 2.00
C TYR C 244 21.89 37.28 1.99
N LEU C 245 22.93 37.79 2.64
CA LEU C 245 23.14 39.23 2.67
C LEU C 245 23.51 39.76 1.29
N LEU C 246 24.28 39.00 0.52
CA LEU C 246 24.58 39.40 -0.85
C LEU C 246 23.31 39.40 -1.71
N ARG C 247 22.46 38.39 -1.55
CA ARG C 247 21.20 38.36 -2.29
C ARG C 247 20.32 39.53 -1.92
N LEU C 248 20.26 39.87 -0.64
CA LEU C 248 19.48 41.03 -0.20
C LEU C 248 20.07 42.32 -0.76
N ALA C 249 21.39 42.42 -0.81
CA ALA C 249 22.02 43.63 -1.33
C ALA C 249 21.76 43.80 -2.81
N ALA C 250 21.79 42.72 -3.57
CA ALA C 250 21.65 42.78 -5.02
C ALA C 250 20.21 42.64 -5.49
N ALA C 251 19.25 42.57 -4.59
CA ALA C 251 17.86 42.42 -4.98
C ALA C 251 17.34 43.73 -5.57
N PRO C 252 16.63 43.69 -6.70
CA PRO C 252 16.02 44.94 -7.21
C PRO C 252 14.98 45.51 -6.27
N SER C 253 13.97 44.72 -5.92
CA SER C 253 12.97 45.09 -4.94
C SER C 253 13.25 44.28 -3.68
N ARG C 254 13.94 44.89 -2.73
CA ARG C 254 14.43 44.16 -1.57
C ARG C 254 13.28 43.55 -0.77
N TYR C 255 12.21 44.30 -0.57
CA TYR C 255 11.07 43.77 0.19
C TYR C 255 10.43 42.60 -0.53
N ARG C 256 10.38 42.64 -1.86
CA ARG C 256 9.83 41.52 -2.62
C ARG C 256 10.71 40.28 -2.47
N PHE C 257 12.03 40.47 -2.43
CA PHE C 257 12.92 39.36 -2.15
C PHE C 257 12.67 38.78 -0.77
N VAL C 258 12.58 39.66 0.23
CA VAL C 258 12.50 39.20 1.62
C VAL C 258 11.25 38.35 1.84
N ARG C 259 10.16 38.69 1.17
CA ARG C 259 8.91 37.95 1.36
C ARG C 259 8.82 36.72 0.46
N SER C 260 9.79 36.49 -0.42
CA SER C 260 9.77 35.32 -1.28
C SER C 260 10.05 34.04 -0.48
N VAL C 261 9.66 32.91 -1.07
CA VAL C 261 9.75 31.64 -0.36
C VAL C 261 11.20 31.24 -0.12
N MET C 262 12.08 31.49 -1.10
CA MET C 262 13.49 31.18 -0.93
C MET C 262 14.10 31.97 0.22
N SER C 263 13.70 33.23 0.36
CA SER C 263 14.22 34.05 1.46
C SER C 263 13.75 33.51 2.81
N ILE C 264 12.49 33.07 2.90
CA ILE C 264 12.01 32.48 4.13
C ILE C 264 12.78 31.20 4.45
N ILE C 265 13.08 30.40 3.43
CA ILE C 265 13.87 29.19 3.63
C ILE C 265 15.25 29.54 4.16
N ASP C 266 15.89 30.54 3.56
CA ASP C 266 17.24 30.92 3.98
C ASP C 266 17.24 31.46 5.41
N VAL C 267 16.24 32.25 5.76
CA VAL C 267 16.16 32.81 7.11
C VAL C 267 15.90 31.70 8.12
N VAL C 268 15.02 30.75 7.79
CA VAL C 268 14.77 29.62 8.69
C VAL C 268 16.03 28.77 8.82
N ALA C 269 16.85 28.72 7.77
CA ALA C 269 18.09 27.96 7.83
C ALA C 269 19.10 28.62 8.75
N ILE C 270 19.20 29.95 8.72
CA ILE C 270 20.26 30.61 9.48
C ILE C 270 19.86 30.98 10.91
N LEU C 271 18.57 31.22 11.17
CA LEU C 271 18.18 31.74 12.48
C LEU C 271 18.53 30.84 13.66
N PRO C 272 18.28 29.53 13.63
CA PRO C 272 18.55 28.71 14.82
C PRO C 272 19.96 28.84 15.34
N TYR C 273 20.95 29.02 14.47
CA TYR C 273 22.32 29.20 14.94
C TYR C 273 22.44 30.42 15.84
N TYR C 274 21.90 31.55 15.39
CA TYR C 274 22.01 32.78 16.17
C TYR C 274 21.18 32.72 17.43
N ILE C 275 19.98 32.13 17.35
CA ILE C 275 19.17 31.96 18.56
C ILE C 275 19.90 31.10 19.57
N GLY C 276 20.52 30.01 19.11
CA GLY C 276 21.29 29.17 20.02
C GLY C 276 22.48 29.89 20.62
N LEU C 277 23.09 30.81 19.86
CA LEU C 277 24.12 31.66 20.46
C LEU C 277 23.55 32.53 21.56
N VAL C 278 22.39 33.14 21.32
CA VAL C 278 21.76 34.01 22.30
C VAL C 278 21.33 33.21 23.53
N MET C 279 20.89 31.97 23.33
CA MET C 279 20.42 31.11 24.40
C MET C 279 21.43 30.03 24.77
N THR C 280 22.72 30.38 24.78
CA THR C 280 23.74 29.38 25.10
C THR C 280 23.61 28.88 26.53
N ASP C 281 23.06 29.70 27.43
CA ASP C 281 22.80 29.24 28.79
C ASP C 281 21.72 28.16 28.82
N ASN C 282 20.76 28.23 27.90
CA ASN C 282 19.67 27.28 27.82
C ASN C 282 19.96 26.11 26.88
N GLU C 283 21.20 26.00 26.40
CA GLU C 283 21.53 24.90 25.49
C GLU C 283 21.34 23.54 26.17
N ASP C 284 21.74 23.43 27.44
CA ASP C 284 21.48 22.20 28.18
C ASP C 284 19.99 21.97 28.37
N VAL C 285 19.23 23.04 28.57
CA VAL C 285 17.79 22.92 28.79
C VAL C 285 17.11 22.42 27.53
N SER C 286 16.27 21.40 27.68
CA SER C 286 15.59 20.78 26.55
C SER C 286 14.47 21.70 26.06
N GLY C 287 13.64 21.19 25.16
CA GLY C 287 12.53 21.95 24.62
C GLY C 287 12.97 22.92 23.54
N ALA C 288 13.68 23.97 23.93
CA ALA C 288 14.19 24.93 22.95
C ALA C 288 15.39 24.35 22.21
N PHE C 289 16.27 23.64 22.90
CA PHE C 289 17.42 23.02 22.26
C PHE C 289 16.98 22.02 21.21
N VAL C 290 16.02 21.18 21.55
CA VAL C 290 15.54 20.18 20.60
C VAL C 290 14.84 20.85 19.43
N THR C 291 14.12 21.95 19.69
CA THR C 291 13.47 22.66 18.60
C THR C 291 14.49 23.26 17.64
N LEU C 292 15.56 23.85 18.15
CA LEU C 292 16.60 24.39 17.27
C LEU C 292 17.27 23.26 16.49
N ARG C 293 17.54 22.13 17.15
CA ARG C 293 18.11 21.00 16.46
C ARG C 293 17.21 20.53 15.32
N VAL C 294 15.90 20.49 15.55
CA VAL C 294 14.97 20.07 14.51
C VAL C 294 14.93 21.08 13.39
N PHE C 295 14.93 22.37 13.72
CA PHE C 295 14.85 23.40 12.69
C PHE C 295 16.11 23.47 11.84
N ARG C 296 17.22 22.93 12.33
CA ARG C 296 18.41 22.87 11.50
C ARG C 296 18.24 21.99 10.26
N VAL C 297 17.28 21.05 10.26
CA VAL C 297 17.12 20.16 9.12
C VAL C 297 16.47 20.86 7.93
N PHE C 298 15.91 22.04 8.11
CA PHE C 298 15.30 22.75 7.00
C PHE C 298 16.32 23.43 6.10
N ARG C 299 17.61 23.37 6.44
CA ARG C 299 18.64 23.79 5.49
C ARG C 299 18.65 22.93 4.25
N ILE C 300 18.08 21.72 4.31
CA ILE C 300 17.99 20.88 3.13
C ILE C 300 17.07 21.48 2.09
N PHE C 301 16.18 22.38 2.48
CA PHE C 301 15.30 23.05 1.53
C PHE C 301 16.02 24.12 0.73
N LYS C 302 17.25 24.46 1.11
CA LYS C 302 18.07 25.34 0.27
C LYS C 302 18.52 24.66 -1.00
N PHE C 303 18.35 23.33 -1.12
CA PHE C 303 18.60 22.64 -2.36
C PHE C 303 17.56 22.94 -3.42
N SER C 304 16.45 23.58 -3.05
CA SER C 304 15.47 23.98 -4.05
C SER C 304 16.05 24.96 -5.04
N ARG C 305 17.08 25.69 -4.65
CA ARG C 305 17.79 26.56 -5.58
C ARG C 305 18.67 25.78 -6.53
N HIS C 306 18.98 24.52 -6.22
CA HIS C 306 19.80 23.69 -7.09
C HIS C 306 19.00 22.63 -7.83
N SER C 307 17.78 22.32 -7.39
CA SER C 307 16.99 21.26 -7.99
C SER C 307 15.77 21.87 -8.66
N GLN C 308 15.65 21.63 -9.96
CA GLN C 308 14.47 22.09 -10.69
C GLN C 308 13.25 21.25 -10.35
N GLY C 309 13.44 19.96 -10.11
CA GLY C 309 12.33 19.12 -9.69
C GLY C 309 11.74 19.54 -8.36
N LEU C 310 12.57 20.03 -7.44
CA LEU C 310 12.07 20.51 -6.16
C LEU C 310 11.21 21.75 -6.34
N ARG C 311 11.65 22.69 -7.18
CA ARG C 311 10.84 23.86 -7.47
C ARG C 311 9.54 23.48 -8.16
N ILE C 312 9.58 22.53 -9.07
CA ILE C 312 8.37 22.07 -9.75
C ILE C 312 7.42 21.43 -8.76
N LEU C 313 7.95 20.68 -7.80
CA LEU C 313 7.12 20.10 -6.75
C LEU C 313 6.46 21.18 -5.91
N GLY C 314 7.20 22.24 -5.58
CA GLY C 314 6.59 23.36 -4.90
C GLY C 314 5.48 24.00 -5.71
N TYR C 315 5.72 24.19 -7.01
CA TYR C 315 4.70 24.80 -7.87
C TYR C 315 3.46 23.93 -7.96
N THR C 316 3.62 22.61 -8.04
CA THR C 316 2.45 21.76 -8.14
C THR C 316 1.70 21.66 -6.81
N LEU C 317 2.41 21.69 -5.69
CA LEU C 317 1.72 21.72 -4.41
C LEU C 317 0.92 23.01 -4.26
N LYS C 318 1.48 24.14 -4.71
CA LYS C 318 0.73 25.38 -4.69
C LYS C 318 -0.44 25.33 -5.66
N SER C 319 -0.25 24.68 -6.81
CA SER C 319 -1.29 24.56 -7.81
C SER C 319 -2.45 23.69 -7.32
N CYS C 320 -2.16 22.66 -6.54
CA CYS C 320 -3.17 21.74 -6.04
C CYS C 320 -3.61 22.06 -4.62
N ALA C 321 -3.62 23.35 -4.26
CA ALA C 321 -3.89 23.73 -2.88
C ALA C 321 -5.30 23.34 -2.44
N SER C 322 -6.29 23.50 -3.31
CA SER C 322 -7.66 23.17 -2.92
C SER C 322 -7.83 21.66 -2.74
N GLU C 323 -7.19 20.87 -3.58
CA GLU C 323 -7.30 19.42 -3.45
C GLU C 323 -6.57 18.92 -2.22
N LEU C 324 -5.44 19.54 -1.88
CA LEU C 324 -4.76 19.19 -0.64
C LEU C 324 -5.57 19.61 0.58
N GLY C 325 -6.23 20.76 0.49
CA GLY C 325 -7.11 21.17 1.58
C GLY C 325 -8.26 20.21 1.78
N PHE C 326 -8.88 19.76 0.68
CA PHE C 326 -9.94 18.78 0.83
C PHE C 326 -9.39 17.44 1.31
N LEU C 327 -8.17 17.08 0.91
CA LEU C 327 -7.57 15.87 1.46
C LEU C 327 -7.45 15.97 2.97
N LEU C 328 -6.93 17.09 3.46
CA LEU C 328 -6.81 17.27 4.90
C LEU C 328 -8.18 17.21 5.59
N PHE C 329 -9.17 17.88 5.01
CA PHE C 329 -10.49 17.94 5.64
C PHE C 329 -11.17 16.58 5.66
N SER C 330 -11.19 15.88 4.52
CA SER C 330 -11.87 14.60 4.46
C SER C 330 -11.11 13.53 5.23
N LEU C 331 -9.78 13.63 5.27
CA LEU C 331 -8.99 12.74 6.11
C LEU C 331 -9.30 12.96 7.58
N THR C 332 -9.42 14.22 8.01
CA THR C 332 -9.80 14.51 9.39
C THR C 332 -11.18 13.95 9.71
N MET C 333 -12.13 14.14 8.78
CA MET C 333 -13.48 13.64 9.01
C MET C 333 -13.48 12.12 9.16
N ALA C 334 -12.81 11.43 8.24
CA ALA C 334 -12.79 9.97 8.30
C ALA C 334 -12.07 9.47 9.54
N ILE C 335 -10.98 10.14 9.92
CA ILE C 335 -10.25 9.75 11.13
C ILE C 335 -11.16 9.87 12.35
N ILE C 336 -11.89 10.98 12.45
CA ILE C 336 -12.75 11.18 13.61
C ILE C 336 -13.85 10.13 13.65
N ILE C 337 -14.50 9.88 12.50
CA ILE C 337 -15.59 8.92 12.46
C ILE C 337 -15.11 7.53 12.84
N PHE C 338 -14.04 7.07 12.19
CA PHE C 338 -13.59 5.71 12.42
C PHE C 338 -12.97 5.55 13.80
N ALA C 339 -12.30 6.58 14.32
CA ALA C 339 -11.76 6.50 15.67
C ALA C 339 -12.87 6.44 16.70
N THR C 340 -13.96 7.19 16.49
CA THR C 340 -15.11 7.08 17.39
C THR C 340 -15.66 5.66 17.40
N VAL C 341 -15.89 5.11 16.21
CA VAL C 341 -16.47 3.77 16.12
C VAL C 341 -15.52 2.73 16.71
N MET C 342 -14.23 2.83 16.39
CA MET C 342 -13.24 1.89 16.88
C MET C 342 -13.11 1.97 18.39
N PHE C 343 -13.12 3.18 18.95
CA PHE C 343 -13.02 3.31 20.40
C PHE C 343 -14.22 2.68 21.08
N TYR C 344 -15.43 2.92 20.58
CA TYR C 344 -16.58 2.34 21.25
C TYR C 344 -16.68 0.84 21.04
N ALA C 345 -16.16 0.32 19.93
CA ALA C 345 -16.14 -1.12 19.73
C ALA C 345 -15.07 -1.81 20.57
N GLU C 346 -13.97 -1.13 20.87
CA GLU C 346 -12.81 -1.77 21.45
C GLU C 346 -12.49 -1.37 22.88
N LYS C 347 -13.20 -0.41 23.46
CA LYS C 347 -12.81 0.09 24.77
C LYS C 347 -12.98 -0.97 25.85
N GLY C 348 -13.92 -1.90 25.68
CA GLY C 348 -14.15 -2.91 26.69
C GLY C 348 -13.23 -4.11 26.66
N SER C 349 -12.34 -4.18 25.67
CA SER C 349 -11.43 -5.31 25.57
C SER C 349 -10.45 -5.31 26.73
N SER C 350 -9.88 -6.49 27.00
CA SER C 350 -8.93 -6.63 28.09
C SER C 350 -7.60 -6.01 27.71
N ALA C 351 -7.08 -5.15 28.59
CA ALA C 351 -5.85 -4.40 28.32
C ALA C 351 -5.94 -3.66 26.99
N SER C 352 -7.06 -3.00 26.77
CA SER C 352 -7.32 -2.35 25.48
C SER C 352 -6.42 -1.15 25.29
N LYS C 353 -5.77 -1.07 24.14
CA LYS C 353 -5.04 0.13 23.76
C LYS C 353 -5.99 1.28 23.39
N PHE C 354 -7.24 0.97 23.09
CA PHE C 354 -8.24 1.97 22.69
C PHE C 354 -8.82 2.60 23.94
N THR C 355 -8.02 3.46 24.56
CA THR C 355 -8.36 4.07 25.83
C THR C 355 -9.11 5.39 25.69
N SER C 356 -9.15 5.96 24.50
CA SER C 356 -9.95 7.15 24.21
C SER C 356 -10.06 7.25 22.69
N ILE C 357 -10.94 8.14 22.24
CA ILE C 357 -11.04 8.42 20.80
C ILE C 357 -9.74 9.02 20.25
N PRO C 358 -9.10 9.98 20.92
CA PRO C 358 -7.78 10.41 20.44
C PRO C 358 -6.74 9.29 20.42
N ALA C 359 -6.80 8.35 21.35
CA ALA C 359 -5.91 7.19 21.28
C ALA C 359 -6.20 6.36 20.03
N ALA C 360 -7.48 6.22 19.68
CA ALA C 360 -7.88 5.51 18.47
C ALA C 360 -7.55 6.28 17.19
N PHE C 361 -7.26 7.58 17.28
CA PHE C 361 -6.76 8.31 16.12
C PHE C 361 -5.54 7.62 15.51
N TRP C 362 -4.63 7.17 16.37
CA TRP C 362 -3.39 6.54 15.90
C TRP C 362 -3.69 5.26 15.14
N TYR C 363 -4.54 4.40 15.69
CA TYR C 363 -4.95 3.20 14.98
C TYR C 363 -5.59 3.55 13.65
N THR C 364 -6.48 4.54 13.66
CA THR C 364 -7.23 4.86 12.46
C THR C 364 -6.32 5.38 11.35
N ILE C 365 -5.37 6.25 11.68
CA ILE C 365 -4.47 6.75 10.66
C ILE C 365 -3.52 5.68 10.17
N VAL C 366 -3.10 4.77 11.06
CA VAL C 366 -2.23 3.67 10.62
C VAL C 366 -3.00 2.71 9.71
N THR C 367 -4.29 2.51 9.96
CA THR C 367 -5.09 1.63 9.12
C THR C 367 -5.47 2.26 7.79
N MET C 368 -5.77 3.56 7.79
CA MET C 368 -6.22 4.24 6.58
C MET C 368 -5.13 4.30 5.52
N THR C 369 -3.88 4.51 5.94
CA THR C 369 -2.76 4.55 5.01
C THR C 369 -2.27 3.16 4.62
N THR C 370 -2.84 2.12 5.20
CA THR C 370 -2.41 0.72 5.03
C THR C 370 -1.00 0.48 5.54
N LEU C 371 -0.55 1.27 6.52
CA LEU C 371 0.69 0.94 7.23
C LEU C 371 0.57 -0.38 7.98
N GLY C 372 -0.43 -0.49 8.86
CA GLY C 372 -0.62 -1.70 9.63
C GLY C 372 0.52 -2.07 10.56
N TYR C 373 1.00 -1.14 11.38
CA TYR C 373 2.08 -1.46 12.31
C TYR C 373 1.76 -2.69 13.14
N GLY C 374 0.53 -2.82 13.58
CA GLY C 374 0.13 -3.90 14.44
C GLY C 374 0.28 -3.64 15.92
N ASP C 375 0.76 -2.46 16.32
CA ASP C 375 0.81 -2.15 17.74
C ASP C 375 -0.59 -1.97 18.32
N MET C 376 -1.51 -1.42 17.54
CA MET C 376 -2.92 -1.36 17.88
C MET C 376 -3.68 -2.24 16.89
N VAL C 377 -4.39 -3.23 17.39
CA VAL C 377 -5.25 -4.07 16.55
C VAL C 377 -6.58 -4.31 17.26
N PRO C 378 -7.70 -4.32 16.55
CA PRO C 378 -8.96 -4.66 17.18
C PRO C 378 -9.02 -6.11 17.59
N LYS C 379 -9.78 -6.38 18.65
CA LYS C 379 -9.98 -7.73 19.14
C LYS C 379 -11.42 -8.20 19.07
N THR C 380 -12.37 -7.30 18.90
CA THR C 380 -13.79 -7.63 18.82
C THR C 380 -14.22 -7.73 17.36
N ILE C 381 -15.34 -8.40 17.14
CA ILE C 381 -15.85 -8.58 15.78
C ILE C 381 -16.19 -7.23 15.16
N ALA C 382 -16.89 -6.37 15.92
CA ALA C 382 -17.20 -5.04 15.43
C ALA C 382 -15.93 -4.27 15.12
N GLY C 383 -14.91 -4.42 15.96
CA GLY C 383 -13.63 -3.80 15.68
C GLY C 383 -13.04 -4.26 14.36
N LYS C 384 -13.06 -5.57 14.09
CA LYS C 384 -12.53 -6.08 12.84
C LYS C 384 -13.29 -5.51 11.66
N ILE C 385 -14.62 -5.50 11.73
CA ILE C 385 -15.43 -5.02 10.62
C ILE C 385 -15.12 -3.57 10.33
N PHE C 386 -15.11 -2.74 11.37
CA PHE C 386 -14.92 -1.31 11.14
C PHE C 386 -13.47 -0.98 10.81
N GLY C 387 -12.51 -1.80 11.26
CA GLY C 387 -11.15 -1.64 10.80
C GLY C 387 -10.98 -1.93 9.32
N SER C 388 -11.65 -2.99 8.83
CA SER C 388 -11.61 -3.28 7.41
C SER C 388 -12.21 -2.14 6.59
N ILE C 389 -13.39 -1.67 7.02
CA ILE C 389 -14.02 -0.56 6.31
C ILE C 389 -13.14 0.67 6.38
N CYS C 390 -12.46 0.89 7.51
CA CYS C 390 -11.57 2.03 7.65
C CYS C 390 -10.41 1.96 6.66
N SER C 391 -9.82 0.79 6.51
CA SER C 391 -8.71 0.65 5.57
C SER C 391 -9.16 0.97 4.15
N LEU C 392 -10.32 0.43 3.74
CA LEU C 392 -10.79 0.71 2.38
C LEU C 392 -11.13 2.19 2.19
N SER C 393 -11.80 2.80 3.17
CA SER C 393 -12.17 4.20 3.07
C SER C 393 -10.94 5.10 3.03
N GLY C 394 -9.93 4.76 3.82
CA GLY C 394 -8.69 5.51 3.77
C GLY C 394 -8.01 5.41 2.41
N VAL C 395 -8.03 4.22 1.82
CA VAL C 395 -7.49 4.07 0.46
C VAL C 395 -8.20 5.04 -0.49
N LEU C 396 -9.53 5.07 -0.43
CA LEU C 396 -10.29 5.96 -1.32
C LEU C 396 -9.94 7.43 -1.08
N VAL C 397 -9.97 7.84 0.19
CA VAL C 397 -9.75 9.25 0.53
C VAL C 397 -8.36 9.70 0.10
N ILE C 398 -7.35 8.87 0.35
CA ILE C 398 -5.99 9.24 -0.04
C ILE C 398 -5.81 9.19 -1.55
N ALA C 399 -6.51 8.29 -2.24
CA ALA C 399 -6.38 8.20 -3.68
C ALA C 399 -7.05 9.37 -4.40
N LEU C 400 -7.98 10.07 -3.74
CA LEU C 400 -8.67 11.16 -4.44
C LEU C 400 -7.74 12.22 -5.02
N PRO C 401 -6.76 12.79 -4.31
CA PRO C 401 -5.94 13.86 -4.90
C PRO C 401 -4.66 13.43 -5.59
N VAL C 402 -4.28 12.16 -5.48
CA VAL C 402 -3.01 11.71 -6.06
C VAL C 402 -2.96 11.90 -7.58
N PRO C 403 -3.98 11.50 -8.35
CA PRO C 403 -3.91 11.74 -9.80
C PRO C 403 -3.78 13.21 -10.14
N VAL C 404 -4.45 14.08 -9.39
CA VAL C 404 -4.35 15.52 -9.66
C VAL C 404 -2.92 15.99 -9.44
N ILE C 405 -2.32 15.57 -8.32
CA ILE C 405 -0.96 16.03 -8.03
C ILE C 405 0.02 15.51 -9.07
N VAL C 406 -0.10 14.23 -9.43
CA VAL C 406 0.81 13.66 -10.43
C VAL C 406 0.63 14.35 -11.77
N SER C 407 -0.62 14.57 -12.18
CA SER C 407 -0.89 15.23 -13.45
C SER C 407 -0.35 16.64 -13.48
N ASN C 408 -0.52 17.40 -12.40
CA ASN C 408 0.00 18.76 -12.39
C ASN C 408 1.51 18.78 -12.37
N PHE C 409 2.14 17.83 -11.68
CA PHE C 409 3.59 17.77 -11.70
C PHE C 409 4.10 17.52 -13.12
N SER C 410 3.49 16.55 -13.81
CA SER C 410 3.89 16.28 -15.20
C SER C 410 3.60 17.48 -16.09
N ARG C 411 2.47 18.16 -15.88
CA ARG C 411 2.14 19.33 -16.70
C ARG C 411 3.15 20.45 -16.52
N ILE C 412 3.54 20.72 -15.28
CA ILE C 412 4.50 21.80 -15.03
C ILE C 412 5.87 21.41 -15.58
N TYR C 413 6.27 20.15 -15.43
CA TYR C 413 7.53 19.71 -16.01
C TYR C 413 7.52 19.86 -17.54
N HIS C 414 6.41 19.47 -18.17
CA HIS C 414 6.33 19.56 -19.62
C HIS C 414 6.30 21.01 -20.10
N GLN C 415 5.64 21.89 -19.36
CA GLN C 415 5.68 23.30 -19.71
C GLN C 415 7.09 23.85 -19.57
N ASN C 416 7.81 23.45 -18.53
CA ASN C 416 9.19 23.88 -18.37
C ASN C 416 10.04 23.43 -19.55
N GLN C 417 9.86 22.18 -19.99
CA GLN C 417 10.67 21.67 -21.09
C GLN C 417 10.23 22.21 -22.44
N ARG C 418 8.95 22.61 -22.61
CA ARG C 418 8.55 23.42 -23.78
C ARG C 418 9.24 24.78 -23.78
N ALA C 419 9.27 25.45 -22.63
CA ALA C 419 9.96 26.74 -22.57
C ALA C 419 11.45 26.58 -22.86
N ASP C 420 12.07 25.53 -22.32
CA ASP C 420 13.50 25.32 -22.51
C ASP C 420 13.81 25.05 -23.97
N LYS C 421 13.00 24.24 -24.65
CA LYS C 421 13.25 23.97 -26.05
C LYS C 421 12.88 25.15 -26.94
N ARG C 422 11.95 26.00 -26.51
CA ARG C 422 11.62 27.18 -27.27
C ARG C 422 12.76 28.20 -27.23
N ARG C 423 13.28 28.48 -26.03
CA ARG C 423 14.34 29.47 -25.90
C ARG C 423 15.71 28.91 -26.25
N ALA C 424 15.83 27.61 -26.51
CA ALA C 424 17.11 27.02 -26.88
C ALA C 424 16.91 25.90 -27.88
N THR D 166 -45.00 35.43 0.88
CA THR D 166 -43.79 35.19 0.13
C THR D 166 -42.58 35.08 1.05
N ALA D 167 -42.83 35.17 2.36
CA ALA D 167 -41.72 35.06 3.31
C ALA D 167 -41.14 33.66 3.33
N ARG D 168 -41.97 32.64 3.08
CA ARG D 168 -41.49 31.26 3.08
C ARG D 168 -40.41 31.05 2.02
N GLN D 169 -40.67 31.53 0.80
CA GLN D 169 -39.66 31.37 -0.25
C GLN D 169 -38.43 32.22 0.03
N ARG D 170 -38.60 33.35 0.72
CA ARG D 170 -37.44 34.16 1.09
C ARG D 170 -36.55 33.42 2.08
N VAL D 171 -37.16 32.82 3.11
CA VAL D 171 -36.39 32.04 4.08
C VAL D 171 -35.73 30.86 3.40
N TRP D 172 -36.45 30.19 2.50
CA TRP D 172 -35.87 29.05 1.80
C TRP D 172 -34.68 29.48 0.95
N ARG D 173 -34.80 30.61 0.24
CA ARG D 173 -33.68 31.11 -0.56
C ARG D 173 -32.49 31.44 0.32
N ALA D 174 -32.74 32.02 1.49
CA ALA D 174 -31.66 32.28 2.42
C ALA D 174 -30.97 30.99 2.86
N PHE D 175 -31.77 29.95 3.14
CA PHE D 175 -31.20 28.70 3.63
C PHE D 175 -30.41 27.99 2.53
N GLU D 176 -30.93 28.01 1.31
CA GLU D 176 -30.27 27.31 0.21
C GLU D 176 -29.04 28.06 -0.26
N ASN D 177 -29.09 29.39 -0.28
CA ASN D 177 -27.96 30.22 -0.68
C ASN D 177 -27.57 31.06 0.52
N PRO D 178 -26.67 30.56 1.37
CA PRO D 178 -26.26 31.34 2.54
C PRO D 178 -25.60 32.66 2.20
N HIS D 179 -24.87 32.74 1.08
CA HIS D 179 -24.08 33.92 0.77
C HIS D 179 -24.88 35.03 0.13
N THR D 180 -26.17 34.82 -0.15
CA THR D 180 -26.97 35.88 -0.73
C THR D 180 -27.32 36.95 0.29
N SER D 181 -27.71 36.53 1.50
CA SER D 181 -28.20 37.43 2.54
C SER D 181 -27.22 37.45 3.70
N THR D 182 -27.28 38.54 4.47
CA THR D 182 -26.47 38.62 5.69
C THR D 182 -27.00 37.66 6.75
N MET D 183 -28.32 37.63 6.96
CA MET D 183 -28.90 36.73 7.95
C MET D 183 -28.63 35.27 7.58
N ALA D 184 -28.74 34.94 6.30
CA ALA D 184 -28.41 33.59 5.86
C ALA D 184 -26.97 33.25 6.15
N LEU D 185 -26.05 34.20 5.93
CA LEU D 185 -24.64 33.92 6.14
C LEU D 185 -24.31 33.75 7.61
N VAL D 186 -24.91 34.57 8.48
CA VAL D 186 -24.66 34.41 9.91
C VAL D 186 -25.24 33.10 10.40
N PHE D 187 -26.41 32.70 9.90
CA PHE D 187 -26.98 31.42 10.27
C PHE D 187 -26.06 30.29 9.83
N TYR D 188 -25.52 30.40 8.62
CA TYR D 188 -24.58 29.43 8.08
C TYR D 188 -23.37 29.27 8.99
N TYR D 189 -22.74 30.38 9.35
CA TYR D 189 -21.52 30.32 10.14
C TYR D 189 -21.79 29.85 11.57
N VAL D 190 -22.92 30.27 12.15
CA VAL D 190 -23.28 29.83 13.50
C VAL D 190 -23.46 28.32 13.53
N THR D 191 -24.22 27.79 12.56
CA THR D 191 -24.43 26.35 12.53
C THR D 191 -23.14 25.59 12.29
N GLY D 192 -22.28 26.09 11.39
CA GLY D 192 -21.02 25.42 11.18
C GLY D 192 -20.14 25.41 12.42
N PHE D 193 -20.11 26.52 13.13
CA PHE D 193 -19.32 26.59 14.36
C PHE D 193 -19.83 25.60 15.38
N PHE D 194 -21.15 25.48 15.52
CA PHE D 194 -21.65 24.56 16.54
C PHE D 194 -21.55 23.11 16.11
N ILE D 195 -21.52 22.83 14.81
CA ILE D 195 -21.19 21.48 14.37
C ILE D 195 -19.78 21.13 14.80
N ALA D 196 -18.82 22.04 14.56
CA ALA D 196 -17.45 21.78 14.96
C ALA D 196 -17.34 21.63 16.47
N VAL D 197 -18.05 22.47 17.21
CA VAL D 197 -18.03 22.40 18.67
C VAL D 197 -18.55 21.06 19.16
N SER D 198 -19.68 20.61 18.61
CA SER D 198 -20.24 19.32 19.02
C SER D 198 -19.29 18.18 18.72
N VAL D 199 -18.67 18.18 17.54
CA VAL D 199 -17.77 17.10 17.17
C VAL D 199 -16.56 17.07 18.11
N ILE D 200 -15.98 18.23 18.39
CA ILE D 200 -14.82 18.30 19.27
C ILE D 200 -15.20 17.85 20.68
N ALA D 201 -16.36 18.28 21.17
CA ALA D 201 -16.79 17.89 22.52
C ALA D 201 -17.00 16.38 22.61
N ASN D 202 -17.60 15.78 21.58
CA ASN D 202 -17.82 14.35 21.59
C ASN D 202 -16.49 13.59 21.60
N VAL D 203 -15.48 14.11 20.90
CA VAL D 203 -14.16 13.49 21.00
C VAL D 203 -13.55 13.68 22.38
N VAL D 204 -13.60 14.90 22.91
CA VAL D 204 -12.88 15.27 24.12
C VAL D 204 -13.46 14.58 25.35
N GLU D 205 -14.76 14.33 25.37
CA GLU D 205 -15.39 13.77 26.57
C GLU D 205 -14.87 12.37 26.90
N THR D 206 -14.19 11.71 25.98
CA THR D 206 -13.62 10.40 26.25
C THR D 206 -12.18 10.47 26.74
N VAL D 207 -11.58 11.63 26.80
CA VAL D 207 -10.18 11.76 27.19
C VAL D 207 -10.08 11.71 28.71
N PRO D 208 -9.18 10.88 29.26
CA PRO D 208 -8.98 10.90 30.71
C PRO D 208 -8.50 12.26 31.18
N CYS D 209 -9.21 12.80 32.17
CA CYS D 209 -9.01 14.17 32.62
C CYS D 209 -8.09 14.24 33.85
N GLY D 210 -7.44 13.15 34.19
CA GLY D 210 -6.64 13.07 35.40
C GLY D 210 -7.44 12.55 36.58
N SER D 211 -6.71 12.00 37.55
CA SER D 211 -7.37 11.45 38.73
C SER D 211 -7.96 12.57 39.57
N SER D 212 -9.25 12.44 39.88
CA SER D 212 -9.92 13.45 40.68
C SER D 212 -9.46 13.34 42.13
N PRO D 213 -9.69 14.38 42.94
CA PRO D 213 -9.28 14.32 44.35
C PRO D 213 -9.90 13.14 45.07
N GLY D 214 -9.05 12.19 45.47
CA GLY D 214 -9.52 10.97 46.11
C GLY D 214 -10.03 9.92 45.15
N HIS D 215 -10.03 10.17 43.84
CA HIS D 215 -10.53 9.19 42.90
C HIS D 215 -9.57 8.02 42.75
N ILE D 216 -10.13 6.83 42.53
CA ILE D 216 -9.31 5.64 42.37
C ILE D 216 -8.52 5.70 41.07
N LYS D 217 -9.16 6.08 39.97
CA LYS D 217 -8.51 6.12 38.67
C LYS D 217 -8.89 7.43 37.97
N GLU D 218 -8.16 7.74 36.90
CA GLU D 218 -8.48 8.92 36.12
C GLU D 218 -9.86 8.78 35.50
N LEU D 219 -10.59 9.87 35.50
CA LEU D 219 -11.95 9.90 35.00
C LEU D 219 -12.00 10.58 33.65
N PRO D 220 -12.81 10.07 32.72
CA PRO D 220 -12.96 10.77 31.44
C PRO D 220 -13.61 12.13 31.65
N CYS D 221 -13.22 13.09 30.79
CA CYS D 221 -13.74 14.45 30.91
C CYS D 221 -15.26 14.46 30.92
N GLY D 222 -15.88 13.61 30.12
CA GLY D 222 -17.33 13.56 30.06
C GLY D 222 -17.97 13.02 31.33
N GLU D 223 -17.24 12.26 32.12
CA GLU D 223 -17.75 11.79 33.41
C GLU D 223 -17.42 12.75 34.54
N ARG D 224 -16.25 13.37 34.49
CA ARG D 224 -15.89 14.33 35.52
C ARG D 224 -16.72 15.60 35.42
N TYR D 225 -17.12 15.99 34.21
CA TYR D 225 -17.88 17.21 33.95
C TYR D 225 -19.15 16.88 33.20
N ALA D 226 -19.91 15.92 33.72
CA ALA D 226 -21.11 15.47 33.02
C ALA D 226 -22.11 16.59 32.80
N VAL D 227 -22.23 17.50 33.76
CA VAL D 227 -23.18 18.61 33.62
C VAL D 227 -22.73 19.55 32.51
N ALA D 228 -21.44 19.90 32.48
CA ALA D 228 -20.94 20.81 31.46
C ALA D 228 -21.10 20.23 30.07
N PHE D 229 -20.74 18.96 29.90
CA PHE D 229 -20.85 18.34 28.59
C PHE D 229 -22.31 18.16 28.18
N PHE D 230 -23.18 17.87 29.14
CA PHE D 230 -24.60 17.79 28.84
C PHE D 230 -25.15 19.14 28.39
N CYS D 231 -24.72 20.21 29.04
CA CYS D 231 -25.17 21.55 28.65
C CYS D 231 -24.68 21.90 27.25
N LEU D 232 -23.42 21.61 26.95
CA LEU D 232 -22.91 21.86 25.61
C LEU D 232 -23.66 21.04 24.57
N ASP D 233 -23.92 19.77 24.86
CA ASP D 233 -24.67 18.94 23.94
C ASP D 233 -26.08 19.47 23.75
N THR D 234 -26.72 19.92 24.84
CA THR D 234 -28.07 20.45 24.75
C THR D 234 -28.11 21.71 23.89
N ALA D 235 -27.13 22.60 24.06
CA ALA D 235 -27.09 23.80 23.23
C ALA D 235 -26.92 23.45 21.76
N CYS D 236 -25.98 22.57 21.45
CA CYS D 236 -25.77 22.18 20.06
C CYS D 236 -27.01 21.52 19.48
N VAL D 237 -27.65 20.64 20.23
CA VAL D 237 -28.82 19.93 19.71
C VAL D 237 -30.00 20.89 19.55
N MET D 238 -30.16 21.85 20.44
CA MET D 238 -31.22 22.82 20.28
C MET D 238 -31.00 23.67 19.04
N ILE D 239 -29.76 24.08 18.78
CA ILE D 239 -29.47 24.83 17.57
C ILE D 239 -29.78 24.00 16.34
N PHE D 240 -29.37 22.72 16.34
CA PHE D 240 -29.63 21.86 15.20
C PHE D 240 -31.13 21.64 15.00
N THR D 241 -31.88 21.52 16.10
CA THR D 241 -33.31 21.28 15.98
C THR D 241 -34.04 22.50 15.48
N VAL D 242 -33.67 23.69 15.96
CA VAL D 242 -34.29 24.91 15.45
C VAL D 242 -33.95 25.11 13.98
N GLU D 243 -32.71 24.82 13.60
CA GLU D 243 -32.34 24.86 12.19
C GLU D 243 -33.20 23.93 11.35
N TYR D 244 -33.34 22.67 11.80
CA TYR D 244 -34.10 21.70 11.02
C TYR D 244 -35.57 22.09 10.94
N LEU D 245 -36.13 22.59 12.04
CA LEU D 245 -37.53 22.98 12.03
C LEU D 245 -37.77 24.18 11.13
N LEU D 246 -36.82 25.13 11.10
CA LEU D 246 -36.93 26.25 10.19
C LEU D 246 -36.84 25.79 8.73
N ARG D 247 -35.93 24.86 8.44
CA ARG D 247 -35.83 24.33 7.09
C ARG D 247 -37.10 23.61 6.68
N LEU D 248 -37.70 22.85 7.60
CA LEU D 248 -38.95 22.17 7.31
C LEU D 248 -40.09 23.18 7.10
N ALA D 249 -40.09 24.26 7.88
CA ALA D 249 -41.13 25.26 7.74
C ALA D 249 -41.04 25.98 6.41
N ALA D 250 -39.82 26.30 5.96
CA ALA D 250 -39.61 27.07 4.75
C ALA D 250 -39.47 26.21 3.50
N ALA D 251 -39.63 24.90 3.61
CA ALA D 251 -39.49 24.04 2.45
C ALA D 251 -40.69 24.21 1.52
N PRO D 252 -40.48 24.34 0.21
CA PRO D 252 -41.62 24.38 -0.71
C PRO D 252 -42.44 23.09 -0.70
N SER D 253 -41.79 21.97 -0.97
CA SER D 253 -42.41 20.65 -0.88
C SER D 253 -41.84 19.97 0.36
N ARG D 254 -42.59 20.03 1.46
CA ARG D 254 -42.05 19.59 2.74
C ARG D 254 -41.69 18.11 2.71
N TYR D 255 -42.53 17.28 2.10
CA TYR D 255 -42.23 15.86 2.05
C TYR D 255 -40.98 15.60 1.23
N ARG D 256 -40.76 16.36 0.16
CA ARG D 256 -39.55 16.21 -0.64
C ARG D 256 -38.32 16.59 0.16
N PHE D 257 -38.43 17.63 1.00
CA PHE D 257 -37.34 17.97 1.90
C PHE D 257 -37.07 16.84 2.86
N VAL D 258 -38.12 16.31 3.49
CA VAL D 258 -37.95 15.33 4.57
C VAL D 258 -37.23 14.08 4.05
N ARG D 259 -37.50 13.69 2.82
CA ARG D 259 -36.88 12.48 2.26
C ARG D 259 -35.52 12.75 1.65
N SER D 260 -35.06 14.00 1.61
CA SER D 260 -33.75 14.31 1.07
C SER D 260 -32.63 13.83 2.00
N VAL D 261 -31.44 13.69 1.44
CA VAL D 261 -30.32 13.12 2.19
C VAL D 261 -29.89 14.04 3.32
N MET D 262 -29.89 15.35 3.08
CA MET D 262 -29.53 16.29 4.14
C MET D 262 -30.49 16.21 5.31
N SER D 263 -31.78 16.03 5.03
CA SER D 263 -32.76 15.89 6.11
C SER D 263 -32.53 14.63 6.92
N ILE D 264 -32.19 13.53 6.24
CA ILE D 264 -31.88 12.29 6.97
C ILE D 264 -30.65 12.49 7.85
N ILE D 265 -29.65 13.21 7.33
CA ILE D 265 -28.45 13.49 8.12
C ILE D 265 -28.82 14.31 9.35
N ASP D 266 -29.64 15.35 9.18
CA ASP D 266 -30.01 16.19 10.30
C ASP D 266 -30.81 15.42 11.34
N VAL D 267 -31.72 14.57 10.90
CA VAL D 267 -32.53 13.78 11.83
C VAL D 267 -31.66 12.78 12.57
N VAL D 268 -30.72 12.14 11.88
CA VAL D 268 -29.80 11.22 12.55
C VAL D 268 -28.92 11.97 13.53
N ALA D 269 -28.62 13.24 13.23
CA ALA D 269 -27.81 14.03 14.15
C ALA D 269 -28.58 14.38 15.41
N ILE D 270 -29.86 14.70 15.30
CA ILE D 270 -30.59 15.16 16.47
C ILE D 270 -31.26 14.05 17.28
N LEU D 271 -31.62 12.93 16.65
CA LEU D 271 -32.41 11.92 17.36
C LEU D 271 -31.74 11.33 18.59
N PRO D 272 -30.46 10.93 18.56
CA PRO D 272 -29.88 10.29 19.75
C PRO D 272 -30.01 11.10 21.02
N TYR D 273 -29.96 12.43 20.94
CA TYR D 273 -30.15 13.24 22.14
C TYR D 273 -31.51 12.98 22.77
N TYR D 274 -32.57 13.03 21.95
CA TYR D 274 -33.91 12.85 22.48
C TYR D 274 -34.15 11.42 22.94
N ILE D 275 -33.63 10.44 22.20
CA ILE D 275 -33.74 9.05 22.64
C ILE D 275 -33.05 8.86 23.97
N GLY D 276 -31.87 9.44 24.14
CA GLY D 276 -31.17 9.35 25.42
C GLY D 276 -31.92 10.03 26.54
N LEU D 277 -32.64 11.11 26.23
CA LEU D 277 -33.52 11.70 27.24
C LEU D 277 -34.63 10.73 27.63
N VAL D 278 -35.25 10.08 26.65
CA VAL D 278 -36.32 9.14 26.92
C VAL D 278 -35.80 7.93 27.69
N MET D 279 -34.58 7.51 27.40
CA MET D 279 -33.97 6.34 28.03
C MET D 279 -32.93 6.72 29.07
N THR D 280 -33.19 7.78 29.85
CA THR D 280 -32.22 8.21 30.85
C THR D 280 -32.01 7.16 31.93
N ASP D 281 -33.02 6.33 32.19
CA ASP D 281 -32.85 5.22 33.13
C ASP D 281 -31.86 4.19 32.59
N ASN D 282 -31.82 4.01 31.27
CA ASN D 282 -30.93 3.04 30.64
C ASN D 282 -29.60 3.65 30.23
N GLU D 283 -29.31 4.88 30.64
CA GLU D 283 -28.04 5.51 30.29
C GLU D 283 -26.85 4.72 30.84
N ASP D 284 -26.97 4.23 32.08
CA ASP D 284 -25.92 3.39 32.64
C ASP D 284 -25.82 2.07 31.88
N VAL D 285 -26.96 1.53 31.43
CA VAL D 285 -26.97 0.26 30.72
C VAL D 285 -26.27 0.42 29.38
N SER D 286 -25.35 -0.50 29.08
CA SER D 286 -24.57 -0.45 27.86
C SER D 286 -25.44 -0.87 26.68
N GLY D 287 -24.81 -1.05 25.52
CA GLY D 287 -25.53 -1.46 24.32
C GLY D 287 -26.24 -0.31 23.65
N ALA D 288 -27.30 0.18 24.28
CA ALA D 288 -28.01 1.34 23.73
C ALA D 288 -27.23 2.62 23.97
N PHE D 289 -26.63 2.76 25.14
CA PHE D 289 -25.82 3.95 25.44
C PHE D 289 -24.66 4.08 24.47
N VAL D 290 -23.96 2.98 24.22
CA VAL D 290 -22.83 3.01 23.30
C VAL D 290 -23.30 3.29 21.88
N THR D 291 -24.47 2.76 21.51
CA THR D 291 -25.00 3.02 20.18
C THR D 291 -25.33 4.51 20.00
N LEU D 292 -25.95 5.13 21.00
CA LEU D 292 -26.24 6.56 20.91
C LEU D 292 -24.94 7.36 20.85
N ARG D 293 -23.95 6.98 21.66
CA ARG D 293 -22.67 7.65 21.62
C ARG D 293 -22.04 7.56 20.23
N VAL D 294 -22.13 6.40 19.60
CA VAL D 294 -21.57 6.23 18.26
C VAL D 294 -22.35 7.06 17.24
N PHE D 295 -23.67 7.08 17.36
CA PHE D 295 -24.48 7.80 16.40
C PHE D 295 -24.32 9.31 16.52
N ARG D 296 -23.81 9.79 17.65
CA ARG D 296 -23.52 11.21 17.76
C ARG D 296 -22.42 11.67 16.80
N VAL D 297 -21.57 10.77 16.31
CA VAL D 297 -20.48 11.19 15.43
C VAL D 297 -20.97 11.52 14.02
N PHE D 298 -22.20 11.17 13.68
CA PHE D 298 -22.71 11.48 12.35
C PHE D 298 -23.15 12.94 12.22
N ARG D 299 -23.07 13.73 13.30
CA ARG D 299 -23.24 15.17 13.16
C ARG D 299 -22.16 15.79 12.31
N ILE D 300 -21.02 15.11 12.14
CA ILE D 300 -19.97 15.61 11.27
C ILE D 300 -20.41 15.63 9.82
N PHE D 301 -21.42 14.84 9.46
CA PHE D 301 -21.94 14.85 8.10
C PHE D 301 -22.80 16.07 7.81
N LYS D 302 -23.13 16.86 8.83
CA LYS D 302 -23.78 18.15 8.60
C LYS D 302 -22.83 19.16 7.98
N PHE D 303 -21.53 18.88 7.94
CA PHE D 303 -20.59 19.70 7.21
C PHE D 303 -20.75 19.59 5.70
N SER D 304 -21.51 18.61 5.22
CA SER D 304 -21.76 18.51 3.79
C SER D 304 -22.49 19.73 3.28
N ARG D 305 -23.22 20.42 4.15
CA ARG D 305 -23.85 21.67 3.77
C ARG D 305 -22.84 22.81 3.67
N HIS D 306 -21.66 22.65 4.24
CA HIS D 306 -20.62 23.67 4.18
C HIS D 306 -19.49 23.32 3.23
N SER D 307 -19.34 22.06 2.85
CA SER D 307 -18.24 21.62 2.01
C SER D 307 -18.78 21.18 0.66
N GLN D 308 -18.30 21.84 -0.39
CA GLN D 308 -18.68 21.44 -1.75
C GLN D 308 -18.00 20.14 -2.15
N GLY D 309 -16.77 19.93 -1.69
CA GLY D 309 -16.10 18.67 -1.96
C GLY D 309 -16.81 17.47 -1.36
N LEU D 310 -17.41 17.65 -0.18
CA LEU D 310 -18.16 16.57 0.44
C LEU D 310 -19.39 16.21 -0.38
N ARG D 311 -20.12 17.22 -0.87
CA ARG D 311 -21.26 16.97 -1.72
C ARG D 311 -20.83 16.30 -3.03
N ILE D 312 -19.71 16.73 -3.60
CA ILE D 312 -19.21 16.12 -4.83
C ILE D 312 -18.83 14.67 -4.58
N LEU D 313 -18.25 14.38 -3.42
CA LEU D 313 -17.94 12.99 -3.07
C LEU D 313 -19.20 12.16 -2.96
N GLY D 314 -20.26 12.71 -2.36
CA GLY D 314 -21.53 12.01 -2.35
C GLY D 314 -22.06 11.75 -3.74
N TYR D 315 -21.98 12.75 -4.62
CA TYR D 315 -22.46 12.58 -5.98
C TYR D 315 -21.67 11.52 -6.73
N THR D 316 -20.36 11.48 -6.54
CA THR D 316 -19.58 10.48 -7.26
C THR D 316 -19.77 9.08 -6.68
N LEU D 317 -19.99 8.96 -5.37
CA LEU D 317 -20.31 7.65 -4.82
C LEU D 317 -21.65 7.16 -5.35
N LYS D 318 -22.63 8.06 -5.47
CA LYS D 318 -23.90 7.67 -6.08
C LYS D 318 -23.72 7.34 -7.55
N SER D 319 -22.85 8.07 -8.24
CA SER D 319 -22.60 7.84 -9.66
C SER D 319 -21.92 6.51 -9.90
N CYS D 320 -21.05 6.08 -9.00
CA CYS D 320 -20.29 4.84 -9.14
C CYS D 320 -20.92 3.69 -8.36
N ALA D 321 -22.25 3.68 -8.24
CA ALA D 321 -22.91 2.70 -7.38
C ALA D 321 -22.68 1.27 -7.87
N SER D 322 -22.75 1.05 -9.19
CA SER D 322 -22.58 -0.29 -9.71
C SER D 322 -21.15 -0.80 -9.50
N GLU D 323 -20.17 0.08 -9.66
CA GLU D 323 -18.78 -0.33 -9.46
C GLU D 323 -18.49 -0.59 -7.99
N LEU D 324 -19.09 0.18 -7.10
CA LEU D 324 -18.95 -0.10 -5.67
C LEU D 324 -19.65 -1.39 -5.28
N GLY D 325 -20.80 -1.66 -5.90
CA GLY D 325 -21.47 -2.93 -5.65
C GLY D 325 -20.64 -4.12 -6.11
N PHE D 326 -20.01 -4.00 -7.29
CA PHE D 326 -19.15 -5.08 -7.74
C PHE D 326 -17.90 -5.17 -6.87
N LEU D 327 -17.39 -4.05 -6.37
CA LEU D 327 -16.28 -4.10 -5.43
C LEU D 327 -16.66 -4.91 -4.20
N LEU D 328 -17.82 -4.62 -3.62
CA LEU D 328 -18.27 -5.37 -2.46
C LEU D 328 -18.43 -6.85 -2.78
N PHE D 329 -19.03 -7.17 -3.92
CA PHE D 329 -19.29 -8.56 -4.26
C PHE D 329 -18.00 -9.33 -4.52
N SER D 330 -17.10 -8.78 -5.33
CA SER D 330 -15.86 -9.49 -5.65
C SER D 330 -14.93 -9.54 -4.46
N LEU D 331 -14.96 -8.52 -3.61
CA LEU D 331 -14.21 -8.56 -2.37
C LEU D 331 -14.72 -9.65 -1.45
N THR D 332 -16.05 -9.79 -1.34
CA THR D 332 -16.62 -10.87 -0.55
C THR D 332 -16.22 -12.23 -1.11
N MET D 333 -16.28 -12.38 -2.43
CA MET D 333 -15.90 -13.64 -3.05
C MET D 333 -14.46 -13.99 -2.75
N ALA D 334 -13.56 -13.04 -2.96
CA ALA D 334 -12.15 -13.30 -2.73
C ALA D 334 -11.85 -13.57 -1.27
N ILE D 335 -12.51 -12.84 -0.37
CA ILE D 335 -12.32 -13.08 1.06
C ILE D 335 -12.73 -14.49 1.42
N ILE D 336 -13.89 -14.94 0.92
CA ILE D 336 -14.36 -16.28 1.25
C ILE D 336 -13.41 -17.34 0.71
N ILE D 337 -12.98 -17.19 -0.55
CA ILE D 337 -12.10 -18.17 -1.16
C ILE D 337 -10.77 -18.26 -0.40
N PHE D 338 -10.14 -17.12 -0.18
CA PHE D 338 -8.83 -17.13 0.44
C PHE D 338 -8.90 -17.51 1.91
N ALA D 339 -9.97 -17.13 2.61
CA ALA D 339 -10.11 -17.55 3.99
C ALA D 339 -10.32 -19.04 4.10
N THR D 340 -11.08 -19.64 3.18
CA THR D 340 -11.22 -21.09 3.16
C THR D 340 -9.86 -21.77 2.99
N VAL D 341 -9.11 -21.32 1.99
CA VAL D 341 -7.81 -21.94 1.71
C VAL D 341 -6.86 -21.73 2.88
N MET D 342 -6.81 -20.51 3.42
CA MET D 342 -5.92 -20.20 4.54
C MET D 342 -6.29 -21.01 5.77
N PHE D 343 -7.58 -21.15 6.06
CA PHE D 343 -7.99 -21.92 7.22
C PHE D 343 -7.58 -23.38 7.08
N TYR D 344 -7.79 -23.97 5.90
CA TYR D 344 -7.42 -25.37 5.77
C TYR D 344 -5.92 -25.57 5.72
N ALA D 345 -5.16 -24.58 5.25
CA ALA D 345 -3.71 -24.69 5.27
C ALA D 345 -3.13 -24.48 6.66
N GLU D 346 -3.79 -23.69 7.51
CA GLU D 346 -3.20 -23.24 8.75
C GLU D 346 -3.85 -23.78 10.01
N LYS D 347 -4.95 -24.54 9.90
CA LYS D 347 -5.67 -24.95 11.10
C LYS D 347 -4.86 -25.92 11.95
N GLY D 348 -3.97 -26.68 11.34
CA GLY D 348 -3.19 -27.65 12.08
C GLY D 348 -1.96 -27.12 12.78
N SER D 349 -1.63 -25.84 12.58
CA SER D 349 -0.45 -25.27 13.20
C SER D 349 -0.62 -25.20 14.71
N SER D 350 0.51 -25.11 15.40
CA SER D 350 0.49 -25.07 16.86
C SER D 350 0.04 -23.69 17.33
N ALA D 351 -0.94 -23.68 18.23
CA ALA D 351 -1.55 -22.43 18.71
C ALA D 351 -2.02 -21.57 17.54
N SER D 352 -2.69 -22.20 16.59
CA SER D 352 -3.09 -21.52 15.37
C SER D 352 -4.19 -20.50 15.64
N LYS D 353 -3.99 -19.28 15.15
CA LYS D 353 -5.05 -18.29 15.18
C LYS D 353 -6.16 -18.60 14.17
N PHE D 354 -5.87 -19.45 13.19
CA PHE D 354 -6.83 -19.81 12.14
C PHE D 354 -7.73 -20.92 12.67
N THR D 355 -8.65 -20.52 13.54
CA THR D 355 -9.51 -21.46 14.25
C THR D 355 -10.82 -21.74 13.52
N SER D 356 -11.16 -20.95 12.51
CA SER D 356 -12.30 -21.19 11.65
C SER D 356 -12.12 -20.34 10.40
N ILE D 357 -12.95 -20.60 9.39
CA ILE D 357 -12.95 -19.76 8.19
C ILE D 357 -13.35 -18.32 8.51
N PRO D 358 -14.39 -18.07 9.32
CA PRO D 358 -14.63 -16.68 9.72
C PRO D 358 -13.47 -16.04 10.48
N ALA D 359 -12.73 -16.81 11.27
CA ALA D 359 -11.53 -16.27 11.90
C ALA D 359 -10.49 -15.88 10.85
N ALA D 360 -10.36 -16.69 9.80
CA ALA D 360 -9.46 -16.38 8.70
C ALA D 360 -9.94 -15.23 7.83
N PHE D 361 -11.22 -14.84 7.93
CA PHE D 361 -11.67 -13.62 7.26
C PHE D 361 -10.81 -12.42 7.64
N TRP D 362 -10.48 -12.31 8.92
CA TRP D 362 -9.70 -11.17 9.40
C TRP D 362 -8.32 -11.15 8.77
N TYR D 363 -7.64 -12.30 8.77
CA TYR D 363 -6.34 -12.38 8.10
C TYR D 363 -6.47 -12.02 6.63
N THR D 364 -7.49 -12.55 5.97
CA THR D 364 -7.62 -12.35 4.54
C THR D 364 -7.85 -10.88 4.19
N ILE D 365 -8.71 -10.20 4.94
CA ILE D 365 -8.95 -8.80 4.65
C ILE D 365 -7.75 -7.95 5.00
N VAL D 366 -7.01 -8.31 6.05
CA VAL D 366 -5.80 -7.55 6.38
C VAL D 366 -4.72 -7.76 5.31
N THR D 367 -4.65 -8.95 4.72
CA THR D 367 -3.67 -9.21 3.67
C THR D 367 -4.06 -8.59 2.34
N MET D 368 -5.35 -8.60 2.00
CA MET D 368 -5.81 -8.12 0.70
C MET D 368 -5.60 -6.60 0.56
N THR D 369 -5.80 -5.86 1.64
CA THR D 369 -5.60 -4.42 1.62
C THR D 369 -4.13 -4.03 1.79
N THR D 370 -3.26 -5.00 2.00
CA THR D 370 -1.83 -4.80 2.29
C THR D 370 -1.61 -4.05 3.60
N LEU D 371 -2.54 -4.16 4.55
CA LEU D 371 -2.29 -3.69 5.91
C LEU D 371 -1.15 -4.45 6.56
N GLY D 372 -1.27 -5.78 6.63
CA GLY D 372 -0.25 -6.60 7.25
C GLY D 372 0.01 -6.34 8.72
N TYR D 373 -1.04 -6.30 9.54
CA TYR D 373 -0.84 -6.08 10.98
C TYR D 373 0.19 -7.03 11.55
N GLY D 374 0.15 -8.28 11.14
CA GLY D 374 1.02 -9.29 11.68
C GLY D 374 0.48 -10.03 12.88
N ASP D 375 -0.72 -9.71 13.35
CA ASP D 375 -1.30 -10.47 14.45
C ASP D 375 -1.66 -11.88 14.00
N MET D 376 -2.11 -12.03 12.75
CA MET D 376 -2.32 -13.32 12.13
C MET D 376 -1.31 -13.46 11.00
N VAL D 377 -0.48 -14.49 11.05
CA VAL D 377 0.45 -14.79 9.96
C VAL D 377 0.47 -16.29 9.71
N PRO D 378 0.55 -16.72 8.46
CA PRO D 378 0.68 -18.16 8.20
C PRO D 378 2.03 -18.69 8.64
N LYS D 379 2.04 -19.97 9.01
CA LYS D 379 3.25 -20.65 9.42
C LYS D 379 3.63 -21.80 8.52
N THR D 380 2.73 -22.29 7.69
CA THR D 380 2.98 -23.40 6.78
C THR D 380 3.34 -22.86 5.40
N ILE D 381 3.97 -23.72 4.61
CA ILE D 381 4.38 -23.32 3.25
C ILE D 381 3.15 -22.99 2.41
N ALA D 382 2.13 -23.85 2.46
CA ALA D 382 0.90 -23.57 1.73
C ALA D 382 0.28 -22.27 2.20
N GLY D 383 0.33 -22.00 3.51
CA GLY D 383 -0.15 -20.73 4.02
C GLY D 383 0.60 -19.55 3.43
N LYS D 384 1.93 -19.63 3.35
CA LYS D 384 2.70 -18.54 2.78
C LYS D 384 2.33 -18.31 1.32
N ILE D 385 2.23 -19.40 0.55
CA ILE D 385 1.92 -19.28 -0.87
C ILE D 385 0.57 -18.62 -1.07
N PHE D 386 -0.44 -19.10 -0.35
CA PHE D 386 -1.78 -18.57 -0.57
C PHE D 386 -1.95 -17.19 0.04
N GLY D 387 -1.18 -16.85 1.07
CA GLY D 387 -1.16 -15.49 1.56
C GLY D 387 -0.58 -14.51 0.55
N SER D 388 0.51 -14.91 -0.12
CA SER D 388 1.07 -14.07 -1.16
C SER D 388 0.08 -13.85 -2.30
N ILE D 389 -0.53 -14.94 -2.76
CA ILE D 389 -1.52 -14.83 -3.83
C ILE D 389 -2.69 -13.98 -3.37
N CYS D 390 -3.09 -14.10 -2.10
CA CYS D 390 -4.17 -13.30 -1.57
C CYS D 390 -3.84 -11.81 -1.59
N SER D 391 -2.62 -11.44 -1.20
CA SER D 391 -2.24 -10.04 -1.22
C SER D 391 -2.31 -9.47 -2.64
N LEU D 392 -1.76 -10.22 -3.61
CA LEU D 392 -1.81 -9.72 -4.99
C LEU D 392 -3.24 -9.62 -5.52
N SER D 393 -4.07 -10.63 -5.25
CA SER D 393 -5.44 -10.62 -5.73
C SER D 393 -6.24 -9.49 -5.09
N GLY D 394 -6.00 -9.24 -3.81
CA GLY D 394 -6.65 -8.12 -3.16
C GLY D 394 -6.25 -6.79 -3.77
N VAL D 395 -4.97 -6.64 -4.10
CA VAL D 395 -4.53 -5.43 -4.80
C VAL D 395 -5.33 -5.24 -6.08
N LEU D 396 -5.45 -6.31 -6.87
CA LEU D 396 -6.19 -6.20 -8.13
C LEU D 396 -7.66 -5.84 -7.90
N VAL D 397 -8.32 -6.55 -6.98
CA VAL D 397 -9.75 -6.35 -6.75
C VAL D 397 -10.01 -4.94 -6.27
N ILE D 398 -9.19 -4.44 -5.35
CA ILE D 398 -9.39 -3.08 -4.84
C ILE D 398 -9.04 -2.04 -5.88
N ALA D 399 -8.07 -2.32 -6.75
CA ALA D 399 -7.70 -1.36 -7.77
C ALA D 399 -8.74 -1.25 -8.88
N LEU D 400 -9.60 -2.24 -9.04
CA LEU D 400 -10.58 -2.18 -10.13
C LEU D 400 -11.46 -0.93 -10.12
N PRO D 401 -12.09 -0.51 -9.02
CA PRO D 401 -12.98 0.66 -9.09
C PRO D 401 -12.34 2.01 -8.77
N VAL D 402 -11.10 2.04 -8.30
CA VAL D 402 -10.47 3.29 -7.91
C VAL D 402 -10.35 4.28 -9.07
N PRO D 403 -9.88 3.88 -10.25
CA PRO D 403 -9.83 4.86 -11.36
C PRO D 403 -11.19 5.42 -11.71
N VAL D 404 -12.23 4.58 -11.65
CA VAL D 404 -13.58 5.07 -11.96
C VAL D 404 -14.00 6.12 -10.95
N ILE D 405 -13.77 5.85 -9.66
CA ILE D 405 -14.20 6.80 -8.64
C ILE D 405 -13.42 8.11 -8.77
N VAL D 406 -12.11 8.03 -8.97
CA VAL D 406 -11.30 9.23 -9.11
C VAL D 406 -11.73 10.03 -10.34
N SER D 407 -11.94 9.34 -11.46
CA SER D 407 -12.35 10.00 -12.69
C SER D 407 -13.69 10.68 -12.54
N ASN D 408 -14.66 10.02 -11.89
CA ASN D 408 -15.96 10.64 -11.72
C ASN D 408 -15.90 11.81 -10.76
N PHE D 409 -15.06 11.72 -9.72
CA PHE D 409 -14.90 12.86 -8.83
C PHE D 409 -14.36 14.07 -9.58
N SER D 410 -13.31 13.85 -10.38
CA SER D 410 -12.76 14.95 -11.17
C SER D 410 -13.78 15.48 -12.18
N ARG D 411 -14.55 14.59 -12.80
CA ARG D 411 -15.54 15.02 -13.78
C ARG D 411 -16.61 15.89 -13.13
N ILE D 412 -17.11 15.48 -11.97
CA ILE D 412 -18.15 16.26 -11.29
C ILE D 412 -17.59 17.59 -10.81
N TYR D 413 -16.35 17.60 -10.31
CA TYR D 413 -15.74 18.86 -9.92
C TYR D 413 -15.59 19.80 -11.12
N HIS D 414 -15.15 19.26 -12.25
CA HIS D 414 -14.96 20.09 -13.43
C HIS D 414 -16.27 20.59 -13.99
N GLN D 415 -17.33 19.78 -13.93
CA GLN D 415 -18.65 20.26 -14.34
C GLN D 415 -19.13 21.37 -13.41
N ASN D 416 -18.89 21.23 -12.11
CA ASN D 416 -19.26 22.28 -11.18
C ASN D 416 -18.53 23.58 -11.50
N GLN D 417 -17.24 23.49 -11.81
CA GLN D 417 -16.48 24.70 -12.10
C GLN D 417 -16.78 25.27 -13.48
N ARG D 418 -17.20 24.45 -14.45
CA ARG D 418 -17.79 24.97 -15.70
C ARG D 418 -19.08 25.74 -15.43
N ALA D 419 -19.96 25.19 -14.60
CA ALA D 419 -21.19 25.90 -14.26
C ALA D 419 -20.90 27.20 -13.54
N ASP D 420 -19.94 27.18 -12.62
CA ASP D 420 -19.60 28.37 -11.85
C ASP D 420 -19.04 29.47 -12.74
N LYS D 421 -18.17 29.11 -13.68
CA LYS D 421 -17.60 30.11 -14.58
C LYS D 421 -18.62 30.56 -15.63
N ARG D 422 -19.59 29.70 -15.98
CA ARG D 422 -20.62 30.12 -16.91
C ARG D 422 -21.55 31.14 -16.28
N ARG D 423 -22.03 30.86 -15.06
CA ARG D 423 -22.95 31.78 -14.42
C ARG D 423 -22.26 32.97 -13.76
N ALA D 424 -20.94 32.99 -13.74
CA ALA D 424 -20.21 34.12 -13.15
C ALA D 424 -18.91 34.39 -13.92
N GLY E 31 -42.01 -14.62 -11.81
CA GLY E 31 -40.71 -15.28 -11.81
C GLY E 31 -40.10 -15.37 -10.43
N ILE E 32 -40.11 -14.26 -9.70
CA ILE E 32 -39.59 -14.27 -8.34
C ILE E 32 -40.45 -15.12 -7.43
N ALA E 33 -41.78 -15.01 -7.56
CA ALA E 33 -42.68 -15.72 -6.67
C ALA E 33 -42.57 -17.23 -6.84
N ILE E 34 -42.51 -17.70 -8.08
CA ILE E 34 -42.41 -19.14 -8.32
C ILE E 34 -41.07 -19.67 -7.83
N ALA E 35 -40.00 -18.91 -8.05
CA ALA E 35 -38.69 -19.32 -7.55
C ALA E 35 -38.69 -19.40 -6.02
N LEU E 36 -39.31 -18.42 -5.36
CA LEU E 36 -39.40 -18.45 -3.91
C LEU E 36 -40.21 -19.65 -3.43
N LEU E 37 -41.31 -19.96 -4.12
CA LEU E 37 -42.10 -21.13 -3.75
C LEU E 37 -41.30 -22.41 -3.89
N VAL E 38 -40.57 -22.55 -5.00
CA VAL E 38 -39.75 -23.75 -5.20
C VAL E 38 -38.66 -23.82 -4.13
N ILE E 39 -38.06 -22.69 -3.81
CA ILE E 39 -37.01 -22.66 -2.80
C ILE E 39 -37.56 -23.12 -1.45
N LEU E 40 -38.75 -22.64 -1.07
CA LEU E 40 -39.35 -23.06 0.18
C LEU E 40 -39.68 -24.54 0.18
N VAL E 41 -40.17 -25.06 -0.95
CA VAL E 41 -40.48 -26.49 -1.03
C VAL E 41 -39.20 -27.30 -0.82
N ILE E 42 -38.13 -26.94 -1.52
CA ILE E 42 -36.89 -27.70 -1.43
C ILE E 42 -36.30 -27.59 -0.03
N CYS E 43 -36.38 -26.41 0.58
CA CYS E 43 -35.88 -26.24 1.95
C CYS E 43 -36.67 -27.10 2.92
N SER E 44 -37.99 -27.17 2.75
CA SER E 44 -38.81 -28.04 3.58
C SER E 44 -38.42 -29.50 3.41
N LEU E 45 -38.15 -29.92 2.18
CA LEU E 45 -37.72 -31.30 1.96
C LEU E 45 -36.38 -31.58 2.63
N ILE E 46 -35.43 -30.63 2.56
CA ILE E 46 -34.16 -30.78 3.26
C ILE E 46 -34.38 -30.91 4.76
N VAL E 47 -35.26 -30.07 5.32
CA VAL E 47 -35.53 -30.09 6.75
C VAL E 47 -36.14 -31.44 7.16
N THR E 48 -37.08 -31.94 6.37
CA THR E 48 -37.69 -33.21 6.70
C THR E 48 -36.69 -34.35 6.59
N SER E 49 -35.79 -34.28 5.61
CA SER E 49 -34.74 -35.29 5.52
C SER E 49 -33.84 -35.26 6.74
N VAL E 50 -33.48 -34.06 7.20
CA VAL E 50 -32.65 -33.94 8.40
C VAL E 50 -33.37 -34.51 9.61
N ILE E 51 -34.65 -34.15 9.78
CA ILE E 51 -35.42 -34.62 10.94
C ILE E 51 -35.55 -36.13 10.90
N LEU E 52 -35.72 -36.71 9.72
CA LEU E 52 -35.79 -38.16 9.62
C LEU E 52 -34.49 -38.82 10.07
N LEU E 53 -33.36 -38.29 9.61
CA LEU E 53 -32.07 -38.85 10.01
C LEU E 53 -31.47 -38.04 11.17
N GLY F 31 14.11 -27.98 -33.72
CA GLY F 31 14.83 -27.08 -32.83
C GLY F 31 14.69 -27.44 -31.37
N ILE F 32 13.45 -27.70 -30.95
CA ILE F 32 13.21 -28.12 -29.56
C ILE F 32 13.82 -29.50 -29.30
N ALA F 33 13.64 -30.42 -30.24
CA ALA F 33 14.10 -31.79 -30.03
C ALA F 33 15.62 -31.86 -29.92
N ILE F 34 16.34 -31.15 -30.79
CA ILE F 34 17.80 -31.18 -30.74
C ILE F 34 18.30 -30.53 -29.47
N ALA F 35 17.67 -29.43 -29.06
CA ALA F 35 18.05 -28.78 -27.81
C ALA F 35 17.84 -29.72 -26.62
N LEU F 36 16.71 -30.43 -26.62
CA LEU F 36 16.44 -31.38 -25.54
C LEU F 36 17.46 -32.51 -25.53
N LEU F 37 17.83 -33.00 -26.71
CA LEU F 37 18.84 -34.04 -26.79
C LEU F 37 20.18 -33.56 -26.25
N VAL F 38 20.60 -32.35 -26.63
CA VAL F 38 21.85 -31.80 -26.13
C VAL F 38 21.79 -31.61 -24.62
N ILE F 39 20.64 -31.14 -24.13
CA ILE F 39 20.48 -30.92 -22.70
C ILE F 39 20.64 -32.23 -21.94
N LEU F 40 20.01 -33.29 -22.46
CA LEU F 40 20.12 -34.60 -21.81
C LEU F 40 21.56 -35.12 -21.85
N VAL F 41 22.26 -34.91 -22.96
CA VAL F 41 23.64 -35.35 -23.04
C VAL F 41 24.49 -34.62 -22.00
N ILE F 42 24.34 -33.30 -21.91
CA ILE F 42 25.16 -32.53 -20.97
C ILE F 42 24.80 -32.89 -19.53
N CYS F 43 23.52 -33.11 -19.25
CA CYS F 43 23.12 -33.52 -17.91
C CYS F 43 23.71 -34.87 -17.55
N SER F 44 23.72 -35.81 -18.49
CA SER F 44 24.35 -37.10 -18.26
C SER F 44 25.84 -36.94 -17.98
N LEU F 45 26.52 -36.07 -18.71
CA LEU F 45 27.93 -35.83 -18.45
C LEU F 45 28.16 -35.24 -17.06
N ILE F 46 27.30 -34.30 -16.64
CA ILE F 46 27.40 -33.76 -15.29
C ILE F 46 27.22 -34.87 -14.25
N VAL F 47 26.22 -35.73 -14.47
CA VAL F 47 25.94 -36.82 -13.52
C VAL F 47 27.13 -37.76 -13.44
N THR F 48 27.72 -38.11 -14.57
CA THR F 48 28.87 -39.01 -14.55
C THR F 48 30.07 -38.36 -13.88
N SER F 49 30.25 -37.06 -14.08
CA SER F 49 31.33 -36.36 -13.39
C SER F 49 31.10 -36.38 -11.88
N VAL F 50 29.86 -36.18 -11.44
CA VAL F 50 29.56 -36.23 -10.01
C VAL F 50 29.83 -37.62 -9.46
N ILE F 51 29.36 -38.66 -10.16
CA ILE F 51 29.54 -40.03 -9.69
C ILE F 51 31.02 -40.38 -9.62
N LEU F 52 31.81 -39.91 -10.58
CA LEU F 52 33.24 -40.16 -10.54
C LEU F 52 33.87 -39.53 -9.30
N LEU F 53 33.53 -38.28 -9.00
CA LEU F 53 34.07 -37.61 -7.83
C LEU F 53 33.09 -37.70 -6.66
N GLY G 31 34.72 26.71 -13.98
CA GLY G 31 33.72 26.87 -12.94
C GLY G 31 33.79 25.81 -11.86
N ILE G 32 33.90 24.55 -12.28
CA ILE G 32 34.04 23.46 -11.32
C ILE G 32 35.37 23.56 -10.59
N ALA G 33 36.45 23.84 -11.32
CA ALA G 33 37.78 23.86 -10.71
C ALA G 33 37.91 24.96 -9.66
N ILE G 34 37.41 26.16 -9.97
CA ILE G 34 37.51 27.26 -9.01
C ILE G 34 36.66 26.97 -7.78
N ALA G 35 35.47 26.41 -7.99
CA ALA G 35 34.63 26.04 -6.86
C ALA G 35 35.31 25.00 -5.98
N LEU G 36 35.95 24.01 -6.60
CA LEU G 36 36.66 22.99 -5.83
C LEU G 36 37.82 23.60 -5.06
N LEU G 37 38.55 24.53 -5.68
CA LEU G 37 39.64 25.20 -4.99
C LEU G 37 39.13 25.98 -3.78
N VAL G 38 38.04 26.73 -3.96
CA VAL G 38 37.48 27.49 -2.84
C VAL G 38 37.00 26.55 -1.75
N ILE G 39 36.39 25.43 -2.13
CA ILE G 39 35.90 24.47 -1.16
C ILE G 39 37.06 23.92 -0.34
N LEU G 40 38.17 23.57 -1.01
CA LEU G 40 39.33 23.07 -0.29
C LEU G 40 39.92 24.12 0.64
N VAL G 41 39.96 25.38 0.19
CA VAL G 41 40.49 26.44 1.05
C VAL G 41 39.62 26.57 2.31
N ILE G 42 38.30 26.61 2.14
CA ILE G 42 37.42 26.79 3.29
C ILE G 42 37.48 25.58 4.21
N CYS G 43 37.58 24.38 3.65
CA CYS G 43 37.71 23.19 4.47
C CYS G 43 39.01 23.21 5.27
N SER G 44 40.10 23.65 4.65
CA SER G 44 41.36 23.79 5.38
C SER G 44 41.24 24.80 6.51
N LEU G 45 40.55 25.91 6.27
CA LEU G 45 40.35 26.89 7.34
C LEU G 45 39.51 26.30 8.49
N ILE G 46 38.47 25.53 8.17
CA ILE G 46 37.70 24.87 9.21
C ILE G 46 38.58 23.92 10.01
N VAL G 47 39.41 23.14 9.31
CA VAL G 47 40.28 22.18 9.99
C VAL G 47 41.26 22.89 10.92
N THR G 48 41.85 23.99 10.44
CA THR G 48 42.79 24.74 11.28
C THR G 48 42.09 25.36 12.48
N SER G 49 40.86 25.83 12.30
CA SER G 49 40.09 26.34 13.43
C SER G 49 39.83 25.25 14.45
N VAL G 50 39.48 24.05 13.99
CA VAL G 50 39.25 22.94 14.91
C VAL G 50 40.53 22.59 15.66
N ILE G 51 41.65 22.50 14.94
CA ILE G 51 42.92 22.12 15.56
C ILE G 51 43.34 23.17 16.59
N LEU G 52 43.08 24.44 16.29
CA LEU G 52 43.40 25.49 17.25
C LEU G 52 42.59 25.33 18.52
N LEU G 53 41.29 25.08 18.40
CA LEU G 53 40.44 24.87 19.58
C LEU G 53 40.27 23.39 19.87
N GLY H 31 -21.32 40.01 7.88
CA GLY H 31 -21.76 38.64 8.03
C GLY H 31 -20.93 37.85 9.02
N ILE H 32 -19.61 37.96 8.91
CA ILE H 32 -18.72 37.29 9.86
C ILE H 32 -18.86 37.90 11.25
N ALA H 33 -18.92 39.23 11.33
CA ALA H 33 -18.96 39.90 12.63
C ALA H 33 -20.23 39.55 13.39
N ILE H 34 -21.39 39.57 12.72
CA ILE H 34 -22.64 39.27 13.39
C ILE H 34 -22.67 37.81 13.84
N ALA H 35 -22.16 36.91 13.01
CA ALA H 35 -22.09 35.50 13.39
C ALA H 35 -21.20 35.31 14.60
N LEU H 36 -20.05 36.01 14.64
CA LEU H 36 -19.16 35.91 15.78
C LEU H 36 -19.83 36.45 17.04
N LEU H 37 -20.57 37.56 16.92
CA LEU H 37 -21.28 38.11 18.05
C LEU H 37 -22.32 37.13 18.59
N VAL H 38 -23.09 36.52 17.68
CA VAL H 38 -24.10 35.54 18.10
C VAL H 38 -23.42 34.34 18.75
N ILE H 39 -22.30 33.91 18.19
CA ILE H 39 -21.58 32.76 18.74
C ILE H 39 -21.14 33.06 20.16
N LEU H 40 -20.59 34.25 20.39
CA LEU H 40 -20.14 34.64 21.73
C LEU H 40 -21.32 34.72 22.69
N VAL H 41 -22.46 35.24 22.24
CA VAL H 41 -23.62 35.32 23.11
C VAL H 41 -24.06 33.91 23.52
N ILE H 42 -24.16 33.00 22.55
CA ILE H 42 -24.63 31.66 22.85
C ILE H 42 -23.62 30.92 23.74
N CYS H 43 -22.33 31.12 23.51
CA CYS H 43 -21.32 30.51 24.35
C CYS H 43 -21.41 31.03 25.78
N SER H 44 -21.65 32.33 25.94
CA SER H 44 -21.84 32.90 27.27
C SER H 44 -23.05 32.30 27.96
N LEU H 45 -24.14 32.10 27.22
CA LEU H 45 -25.32 31.48 27.81
C LEU H 45 -25.04 30.04 28.23
N ILE H 46 -24.29 29.28 27.42
CA ILE H 46 -23.90 27.92 27.81
C ILE H 46 -23.07 27.96 29.08
N VAL H 47 -22.12 28.88 29.16
CA VAL H 47 -21.25 28.97 30.33
C VAL H 47 -22.07 29.30 31.58
N THR H 48 -23.00 30.24 31.47
CA THR H 48 -23.83 30.60 32.62
C THR H 48 -24.72 29.43 33.03
N SER H 49 -25.23 28.68 32.07
CA SER H 49 -26.01 27.49 32.41
C SER H 49 -25.17 26.47 33.15
N VAL H 50 -23.93 26.27 32.70
CA VAL H 50 -23.04 25.33 33.39
C VAL H 50 -22.76 25.81 34.81
N ILE H 51 -22.44 27.10 34.97
CA ILE H 51 -22.11 27.64 36.28
C ILE H 51 -23.31 27.52 37.22
N LEU H 52 -24.52 27.74 36.69
CA LEU H 52 -25.70 27.58 37.52
C LEU H 52 -25.86 26.15 38.01
N LEU H 53 -25.68 25.17 37.13
CA LEU H 53 -25.77 23.78 37.51
C LEU H 53 -24.40 23.19 37.79
K K I . 0.62 -1.04 2.23
K K J . 1.46 -2.44 5.23
K K K . 2.27 -3.79 8.13
K K L . 3.11 -5.20 11.15
#